data_7SFZ
#
_entry.id   7SFZ
#
_cell.length_a   110.725
_cell.length_b   114.864
_cell.length_c   116.270
_cell.angle_alpha   90.00
_cell.angle_beta   90.00
_cell.angle_gamma   90.00
#
_symmetry.space_group_name_H-M   'P 21 21 2'
#
loop_
_entity.id
_entity.type
_entity.pdbx_description
1 polymer 'Protein Mis18-alpha'
2 non-polymer 'ZINC ION'
3 non-polymer 'SULFATE ION'
4 water water
#
_entity_poly.entity_id   1
_entity_poly.type   'polypeptide(L)'
_entity_poly.pdbx_seq_one_letter_code
;EERPLVFLCSGCRRPLGDSLSWVASQEDTNCILLRCVSCNVSVDKEQKLSKREKENGCVLETLCCAGCSLNLGYVYRCTP
KNLDYKRDLFCLSVEAIESYVLGSSEKQIVSEDK
;
_entity_poly.pdbx_strand_id   B,A,C,D,E,F,G,H
#
# COMPACT_ATOMS: atom_id res chain seq x y z
N GLU A 2 18.62 -19.25 -40.36
CA GLU A 2 19.40 -20.29 -39.67
C GLU A 2 19.19 -20.27 -38.15
N ARG A 3 20.23 -19.95 -37.40
CA ARG A 3 20.13 -19.82 -35.96
C ARG A 3 19.36 -18.55 -35.57
N PRO A 4 18.58 -18.61 -34.50
CA PRO A 4 17.72 -17.48 -34.13
C PRO A 4 18.43 -16.53 -33.18
N LEU A 5 17.81 -15.37 -33.01
CA LEU A 5 18.32 -14.37 -32.10
C LEU A 5 17.27 -14.11 -31.01
N VAL A 6 17.73 -13.64 -29.87
CA VAL A 6 16.89 -13.16 -28.78
C VAL A 6 17.29 -11.72 -28.53
N PHE A 7 16.29 -10.82 -28.52
CA PHE A 7 16.54 -9.41 -28.28
C PHE A 7 16.29 -9.12 -26.81
N LEU A 8 17.06 -8.17 -26.28
CA LEU A 8 17.20 -7.94 -24.86
C LEU A 8 17.31 -6.45 -24.58
N CYS A 9 16.81 -6.02 -23.43
CA CYS A 9 16.83 -4.59 -23.08
C CYS A 9 18.25 -4.13 -22.79
N SER A 10 18.71 -3.09 -23.49
CA SER A 10 20.00 -2.45 -23.22
C SER A 10 20.21 -2.08 -21.77
N GLY A 11 19.14 -1.94 -20.99
CA GLY A 11 19.22 -1.39 -19.66
C GLY A 11 19.20 -2.39 -18.53
N CYS A 12 18.36 -3.43 -18.65
CA CYS A 12 18.27 -4.46 -17.65
C CYS A 12 18.40 -5.87 -18.19
N ARG A 13 18.75 -6.06 -19.46
CA ARG A 13 18.81 -7.38 -20.07
C ARG A 13 17.54 -8.23 -20.00
N ARG A 14 16.37 -7.66 -19.82
CA ARG A 14 15.16 -8.47 -19.87
C ARG A 14 14.90 -8.87 -21.31
N PRO A 15 14.37 -10.08 -21.55
CA PRO A 15 14.07 -10.48 -22.94
C PRO A 15 12.83 -9.79 -23.50
N LEU A 16 13.00 -9.19 -24.69
CA LEU A 16 11.96 -8.41 -25.35
C LEU A 16 11.17 -9.25 -26.34
N GLY A 17 11.85 -10.09 -27.09
CA GLY A 17 11.25 -10.87 -28.14
C GLY A 17 12.36 -11.55 -28.87
N ASP A 18 12.01 -12.26 -29.92
CA ASP A 18 13.03 -13.01 -30.60
C ASP A 18 12.82 -13.00 -32.10
N SER A 19 13.88 -13.35 -32.80
CA SER A 19 13.89 -13.29 -34.26
C SER A 19 12.87 -14.22 -34.90
N LEU A 20 12.12 -14.97 -34.10
CA LEU A 20 11.11 -15.84 -34.70
C LEU A 20 9.95 -15.03 -35.22
N SER A 21 9.74 -13.83 -34.66
CA SER A 21 8.73 -12.85 -35.06
C SER A 21 9.29 -11.77 -35.98
N TRP A 22 10.50 -11.91 -36.50
CA TRP A 22 11.12 -10.79 -37.17
C TRP A 22 10.44 -10.54 -38.51
N VAL A 23 10.22 -9.27 -38.83
CA VAL A 23 9.65 -8.88 -40.10
C VAL A 23 10.76 -8.23 -40.93
N ALA A 24 11.19 -8.91 -41.99
CA ALA A 24 12.18 -8.34 -42.90
C ALA A 24 11.68 -7.07 -43.58
N SER A 25 12.12 -5.90 -43.11
CA SER A 25 11.89 -4.64 -43.81
C SER A 25 13.22 -4.03 -44.25
N GLN A 26 13.19 -3.30 -45.37
CA GLN A 26 14.31 -2.48 -45.79
C GLN A 26 13.95 -1.00 -45.84
N GLU A 27 12.78 -0.63 -45.32
CA GLU A 27 12.42 0.78 -45.35
C GLU A 27 13.08 1.54 -44.21
N ASP A 28 13.24 0.91 -43.06
CA ASP A 28 13.81 1.60 -41.91
C ASP A 28 15.08 0.94 -41.43
N THR A 29 15.97 1.80 -40.94
CA THR A 29 17.40 1.65 -40.97
C THR A 29 18.02 1.62 -39.59
N ASN A 30 17.20 1.80 -38.55
CA ASN A 30 17.66 1.89 -37.18
C ASN A 30 16.74 1.11 -36.25
N CYS A 31 15.71 0.45 -36.78
CA CYS A 31 14.75 -0.30 -36.00
C CYS A 31 14.62 -1.72 -36.52
N ILE A 32 14.55 -2.66 -35.57
CA ILE A 32 14.19 -4.05 -35.82
C ILE A 32 12.67 -4.18 -35.68
N LEU A 33 12.01 -4.81 -36.65
CA LEU A 33 10.56 -4.94 -36.64
C LEU A 33 10.15 -6.32 -36.14
N LEU A 34 9.42 -6.34 -35.03
CA LEU A 34 9.01 -7.60 -34.39
C LEU A 34 7.50 -7.71 -34.44
N ARG A 35 7.00 -8.83 -34.96
CA ARG A 35 5.56 -9.03 -35.10
C ARG A 35 4.88 -9.28 -33.76
N CYS A 36 5.61 -9.82 -32.77
CA CYS A 36 5.13 -9.87 -31.40
C CYS A 36 6.31 -9.85 -30.44
N VAL A 37 6.02 -9.51 -29.19
CA VAL A 37 7.04 -9.20 -28.19
C VAL A 37 6.65 -9.81 -26.85
N SER A 38 7.60 -9.81 -25.92
CA SER A 38 7.38 -10.43 -24.64
C SER A 38 6.61 -9.51 -23.72
N CYS A 39 6.30 -10.01 -22.51
CA CYS A 39 5.63 -9.17 -21.53
C CYS A 39 6.46 -7.94 -21.16
N ASN A 40 7.76 -7.95 -21.43
CA ASN A 40 8.67 -6.90 -20.97
C ASN A 40 8.61 -5.65 -21.84
N VAL A 41 8.00 -5.73 -23.03
CA VAL A 41 7.76 -4.57 -23.87
C VAL A 41 6.42 -3.98 -23.48
N SER A 42 6.44 -2.82 -22.83
CA SER A 42 5.25 -2.15 -22.36
C SER A 42 4.96 -0.99 -23.29
N VAL A 43 3.78 -0.97 -23.85
CA VAL A 43 3.31 0.17 -24.63
C VAL A 43 2.63 1.15 -23.69
N ASP A 44 2.98 2.43 -23.79
CA ASP A 44 2.60 3.40 -22.75
C ASP A 44 1.91 4.63 -23.31
N LYS A 45 0.89 5.10 -22.59
CA LYS A 45 0.18 6.35 -22.91
C LYS A 45 -0.45 6.41 -24.31
N GLY A 57 2.13 11.74 -42.03
CA GLY A 57 2.61 11.79 -40.66
C GLY A 57 1.78 10.98 -39.68
N CYS A 58 2.37 9.91 -39.14
CA CYS A 58 1.64 8.84 -38.48
C CYS A 58 1.39 9.11 -37.00
N VAL A 59 0.32 8.50 -36.49
CA VAL A 59 0.06 8.36 -35.05
C VAL A 59 0.73 7.07 -34.61
N LEU A 60 1.46 7.11 -33.49
CA LEU A 60 2.28 5.98 -33.08
C LEU A 60 2.50 6.13 -31.59
N GLU A 61 2.07 5.15 -30.79
CA GLU A 61 2.37 5.21 -29.38
C GLU A 61 3.78 4.63 -29.18
N THR A 62 4.35 4.88 -28.00
CA THR A 62 5.76 4.64 -27.72
C THR A 62 5.90 3.38 -26.90
N LEU A 63 6.96 2.63 -27.17
CA LEU A 63 7.28 1.41 -26.45
C LEU A 63 8.36 1.68 -25.41
N CYS A 64 8.27 0.99 -24.28
CA CYS A 64 9.32 1.07 -23.27
C CYS A 64 9.33 -0.23 -22.48
N CYS A 65 10.39 -0.41 -21.68
CA CYS A 65 10.67 -1.69 -21.04
C CYS A 65 9.90 -1.81 -19.74
N ALA A 66 9.13 -2.89 -19.61
CA ALA A 66 8.31 -3.14 -18.44
C ALA A 66 9.09 -3.29 -17.14
N GLY A 67 10.38 -3.56 -17.20
CA GLY A 67 11.14 -3.71 -15.98
C GLY A 67 11.82 -2.44 -15.53
N CYS A 68 12.34 -1.65 -16.48
CA CYS A 68 13.23 -0.53 -16.15
C CYS A 68 12.84 0.82 -16.73
N SER A 69 11.87 0.89 -17.64
CA SER A 69 11.29 2.11 -18.24
C SER A 69 12.05 2.65 -19.44
N LEU A 70 13.09 1.95 -19.93
CA LEU A 70 13.92 2.50 -20.99
C LEU A 70 13.13 2.62 -22.28
N ASN A 71 13.16 3.81 -22.88
CA ASN A 71 12.51 4.04 -24.17
C ASN A 71 13.10 3.08 -25.19
N LEU A 72 12.24 2.20 -25.72
CA LEU A 72 12.65 1.07 -26.54
C LEU A 72 12.31 1.23 -28.01
N GLY A 73 11.22 1.91 -28.36
CA GLY A 73 10.79 1.98 -29.74
C GLY A 73 9.39 2.53 -29.89
N TYR A 74 8.61 2.01 -30.85
CA TYR A 74 7.28 2.55 -31.10
C TYR A 74 6.44 1.54 -31.90
N VAL A 75 5.17 1.87 -32.08
CA VAL A 75 4.22 1.06 -32.84
C VAL A 75 3.44 2.02 -33.72
N TYR A 76 3.45 1.80 -35.02
CA TYR A 76 2.58 2.61 -35.88
C TYR A 76 1.16 2.08 -35.72
N ARG A 77 0.25 2.89 -35.18
CA ARG A 77 -1.13 2.44 -35.01
C ARG A 77 -2.02 2.84 -36.17
N CYS A 78 -1.94 4.08 -36.62
CA CYS A 78 -2.65 4.59 -37.79
C CYS A 78 -1.64 4.96 -38.87
N THR A 79 -1.78 4.37 -40.05
CA THR A 79 -0.84 4.49 -41.16
C THR A 79 -1.55 4.79 -42.46
N PRO A 80 -0.86 5.32 -43.46
CA PRO A 80 -1.39 5.37 -44.82
C PRO A 80 -1.18 4.01 -45.50
N LYS A 81 -1.67 3.90 -46.76
CA LYS A 81 -1.55 2.61 -47.47
C LYS A 81 -0.10 2.14 -47.53
N ASN A 82 0.81 3.03 -47.94
CA ASN A 82 2.20 2.62 -48.15
C ASN A 82 2.90 2.19 -46.87
N LEU A 83 2.36 2.53 -45.70
CA LEU A 83 2.93 2.11 -44.42
C LEU A 83 2.12 1.00 -43.76
N ASP A 84 1.24 0.33 -44.50
CA ASP A 84 0.36 -0.64 -43.89
C ASP A 84 1.13 -1.82 -43.32
N TYR A 85 2.32 -2.11 -43.85
CA TYR A 85 3.13 -3.20 -43.32
C TYR A 85 3.59 -2.91 -41.89
N LYS A 86 4.15 -1.71 -41.65
CA LYS A 86 4.63 -1.33 -40.32
C LYS A 86 3.51 -1.31 -39.26
N ARG A 87 2.25 -1.21 -39.69
CA ARG A 87 1.15 -1.03 -38.75
C ARG A 87 1.03 -2.24 -37.84
N ASP A 88 0.90 -1.97 -36.54
CA ASP A 88 0.78 -2.96 -35.46
C ASP A 88 2.04 -3.78 -35.24
N LEU A 89 3.13 -3.44 -35.90
CA LEU A 89 4.40 -4.08 -35.61
C LEU A 89 5.16 -3.26 -34.60
N PHE A 90 5.93 -3.95 -33.76
CA PHE A 90 6.76 -3.34 -32.74
C PHE A 90 8.15 -3.03 -33.30
N CYS A 91 8.46 -1.74 -33.46
CA CYS A 91 9.76 -1.30 -33.95
C CYS A 91 10.65 -1.02 -32.75
N LEU A 92 11.64 -1.88 -32.53
CA LEU A 92 12.59 -1.74 -31.42
C LEU A 92 13.82 -1.01 -31.94
N SER A 93 14.17 0.10 -31.31
CA SER A 93 15.34 0.85 -31.71
C SER A 93 16.60 0.01 -31.48
N VAL A 94 17.47 -0.08 -32.49
CA VAL A 94 18.68 -0.90 -32.32
C VAL A 94 19.71 -0.23 -31.42
N GLU A 95 19.49 1.02 -31.04
CA GLU A 95 20.31 1.66 -30.04
C GLU A 95 19.85 1.33 -28.63
N ALA A 96 18.72 0.66 -28.48
CA ALA A 96 18.17 0.35 -27.17
C ALA A 96 18.01 -1.14 -26.94
N ILE A 97 18.46 -1.99 -27.85
CA ILE A 97 18.40 -3.42 -27.61
C ILE A 97 19.78 -4.01 -27.85
N GLU A 98 19.96 -5.19 -27.31
CA GLU A 98 21.08 -6.05 -27.65
C GLU A 98 20.54 -7.42 -28.03
N SER A 99 21.40 -8.26 -28.61
CA SER A 99 20.92 -9.56 -29.04
C SER A 99 21.91 -10.64 -28.66
N TYR A 100 21.37 -11.80 -28.29
CA TYR A 100 22.13 -13.03 -28.17
C TYR A 100 21.74 -13.95 -29.32
N VAL A 101 22.73 -14.42 -30.07
CA VAL A 101 22.51 -15.35 -31.16
C VAL A 101 22.66 -16.77 -30.64
N LEU A 102 21.72 -17.65 -30.97
CA LEU A 102 21.83 -19.03 -30.50
C LEU A 102 22.95 -19.74 -31.27
N GLY A 103 23.62 -20.65 -30.57
CA GLY A 103 24.83 -21.28 -31.07
C GLY A 103 26.06 -20.41 -30.91
N SER A 104 26.41 -20.06 -29.66
CA SER A 104 27.57 -19.20 -29.37
C SER A 104 28.22 -19.56 -28.01
N GLU B 2 11.06 -28.60 -32.46
CA GLU B 2 10.59 -28.02 -31.20
C GLU B 2 10.75 -26.50 -31.17
N ARG B 3 11.15 -25.98 -30.00
CA ARG B 3 11.42 -24.56 -29.81
C ARG B 3 12.58 -24.38 -28.85
N PRO B 4 13.62 -23.65 -29.25
CA PRO B 4 14.84 -23.57 -28.46
C PRO B 4 14.73 -22.60 -27.29
N LEU B 5 15.63 -22.79 -26.33
CA LEU B 5 15.68 -21.99 -25.12
C LEU B 5 16.96 -21.19 -25.08
N VAL B 6 16.92 -20.12 -24.31
CA VAL B 6 18.11 -19.40 -23.89
C VAL B 6 18.11 -19.41 -22.38
N PHE B 7 19.27 -19.68 -21.79
CA PHE B 7 19.42 -19.67 -20.35
C PHE B 7 20.09 -18.37 -19.91
N LEU B 8 19.44 -17.70 -18.96
CA LEU B 8 19.85 -16.40 -18.47
C LEU B 8 20.25 -16.51 -17.00
N CYS B 9 21.33 -15.84 -16.63
CA CYS B 9 21.69 -15.75 -15.22
C CYS B 9 20.47 -15.30 -14.44
N SER B 10 20.20 -15.98 -13.33
CA SER B 10 19.13 -15.60 -12.43
C SER B 10 19.38 -14.25 -11.77
N GLY B 11 20.63 -13.92 -11.49
CA GLY B 11 20.87 -12.75 -10.66
C GLY B 11 20.93 -11.46 -11.44
N CYS B 12 21.16 -11.54 -12.76
CA CYS B 12 21.25 -10.33 -13.62
C CYS B 12 20.78 -10.39 -15.10
N ARG B 13 20.26 -11.56 -15.49
CA ARG B 13 19.73 -11.87 -16.83
C ARG B 13 20.73 -11.89 -17.99
N ARG B 14 21.97 -12.14 -17.75
CA ARG B 14 22.91 -12.22 -18.82
C ARG B 14 22.75 -13.55 -19.48
N PRO B 15 23.01 -13.65 -20.75
CA PRO B 15 22.83 -14.92 -21.47
C PRO B 15 23.96 -15.89 -21.13
N LEU B 16 23.59 -17.07 -20.62
CA LEU B 16 24.57 -18.08 -20.26
C LEU B 16 24.78 -19.12 -21.34
N GLY B 17 23.72 -19.50 -22.05
CA GLY B 17 23.83 -20.46 -23.13
C GLY B 17 22.45 -20.72 -23.69
N ASP B 18 22.39 -21.66 -24.63
CA ASP B 18 21.12 -22.02 -25.26
C ASP B 18 20.93 -23.54 -25.33
N SER B 19 19.73 -23.94 -25.69
CA SER B 19 19.40 -25.35 -25.75
C SER B 19 20.07 -26.05 -26.94
N LEU B 20 20.66 -25.30 -27.86
CA LEU B 20 21.35 -25.94 -28.97
C LEU B 20 22.53 -26.79 -28.49
N SER B 21 23.17 -26.39 -27.39
CA SER B 21 24.28 -27.14 -26.83
C SER B 21 23.86 -27.98 -25.62
N TRP B 22 22.56 -28.19 -25.45
CA TRP B 22 22.04 -28.84 -24.26
C TRP B 22 22.01 -30.33 -24.54
N VAL B 23 22.92 -31.04 -23.87
CA VAL B 23 23.29 -32.41 -24.17
C VAL B 23 22.56 -33.39 -23.27
N ALA B 24 22.34 -33.02 -22.02
CA ALA B 24 21.89 -33.99 -21.04
C ALA B 24 21.42 -33.23 -19.80
N SER B 25 20.84 -33.98 -18.86
CA SER B 25 20.34 -33.39 -17.64
C SER B 25 20.64 -34.34 -16.47
N GLN B 26 20.41 -33.83 -15.26
CA GLN B 26 20.63 -34.57 -14.02
C GLN B 26 19.49 -34.28 -13.07
N GLU B 27 18.73 -35.30 -12.71
CA GLU B 27 17.52 -35.10 -11.93
C GLU B 27 17.85 -34.77 -10.47
N ASP B 28 18.89 -35.40 -9.90
CA ASP B 28 19.14 -35.19 -8.47
C ASP B 28 19.91 -33.89 -8.22
N THR B 29 21.00 -33.66 -8.96
CA THR B 29 21.73 -32.41 -8.80
C THR B 29 20.93 -31.21 -9.30
N ASN B 30 19.80 -31.46 -9.96
CA ASN B 30 18.97 -30.45 -10.64
C ASN B 30 19.83 -29.49 -11.47
N CYS B 31 20.59 -30.09 -12.39
CA CYS B 31 21.44 -29.38 -13.30
C CYS B 31 21.10 -29.76 -14.72
N ILE B 32 21.47 -28.88 -15.64
CA ILE B 32 21.47 -29.22 -17.04
C ILE B 32 22.92 -29.21 -17.51
N LEU B 33 23.22 -30.04 -18.48
CA LEU B 33 24.59 -30.21 -18.96
C LEU B 33 24.72 -29.62 -20.36
N LEU B 34 25.50 -28.58 -20.49
CA LEU B 34 25.73 -27.92 -21.75
C LEU B 34 27.11 -28.28 -22.29
N ARG B 35 27.15 -28.67 -23.55
CA ARG B 35 28.42 -28.81 -24.25
C ARG B 35 29.16 -27.47 -24.33
N CYS B 36 28.41 -26.37 -24.44
CA CYS B 36 29.01 -25.12 -24.85
C CYS B 36 28.33 -23.99 -24.09
N VAL B 37 29.11 -23.02 -23.60
CA VAL B 37 28.57 -21.89 -22.85
C VAL B 37 29.06 -20.56 -23.43
N SER B 38 28.45 -19.49 -22.96
CA SER B 38 28.72 -18.17 -23.48
C SER B 38 29.86 -17.55 -22.69
N CYS B 39 30.26 -16.35 -23.10
CA CYS B 39 31.39 -15.70 -22.45
C CYS B 39 31.05 -15.27 -21.03
N ASN B 40 29.79 -15.37 -20.63
CA ASN B 40 29.36 -14.88 -19.34
C ASN B 40 29.51 -15.91 -18.23
N VAL B 41 29.77 -17.17 -18.59
CA VAL B 41 30.10 -18.22 -17.64
C VAL B 41 31.61 -18.24 -17.51
N SER B 42 32.12 -17.95 -16.32
CA SER B 42 33.54 -17.94 -16.02
C SER B 42 33.90 -19.14 -15.12
N VAL B 43 35.19 -19.47 -15.02
CA VAL B 43 35.60 -20.71 -14.35
C VAL B 43 36.60 -20.38 -13.25
N ASP B 44 36.13 -20.30 -12.00
CA ASP B 44 37.03 -20.06 -10.86
C ASP B 44 38.15 -21.09 -10.88
N LYS B 45 39.38 -20.61 -11.12
CA LYS B 45 40.54 -21.48 -11.37
C LYS B 45 41.08 -21.99 -10.03
N GLU B 46 40.31 -22.89 -9.44
CA GLU B 46 40.62 -23.54 -8.18
C GLU B 46 39.92 -24.87 -8.18
N GLN B 47 40.68 -25.95 -8.08
CA GLN B 47 40.11 -27.27 -8.23
C GLN B 47 39.67 -27.80 -6.86
N LYS B 48 38.36 -28.05 -6.74
CA LYS B 48 37.72 -28.53 -5.53
C LYS B 48 37.24 -29.96 -5.74
N LEU B 49 37.18 -30.74 -4.66
CA LEU B 49 36.84 -32.15 -4.77
C LEU B 49 35.32 -32.33 -4.76
N SER B 50 34.86 -33.52 -5.17
CA SER B 50 33.43 -33.78 -5.22
C SER B 50 32.96 -34.53 -3.99
N LYS B 51 31.73 -34.22 -3.57
CA LYS B 51 31.13 -34.70 -2.34
C LYS B 51 29.87 -35.56 -2.52
N ARG B 52 29.85 -36.38 -3.57
CA ARG B 52 28.69 -37.19 -3.95
C ARG B 52 29.17 -38.55 -4.45
N GLU B 53 28.24 -39.29 -5.07
CA GLU B 53 28.50 -40.62 -5.62
C GLU B 53 29.57 -40.61 -6.72
N GLY B 57 35.82 -39.86 -6.02
CA GLY B 57 35.41 -38.46 -6.11
C GLY B 57 36.10 -37.63 -7.18
N CYS B 58 35.31 -36.92 -7.99
CA CYS B 58 35.85 -36.14 -9.09
C CYS B 58 36.55 -34.87 -8.62
N VAL B 59 37.22 -34.24 -9.57
CA VAL B 59 37.78 -32.91 -9.42
C VAL B 59 36.99 -31.99 -10.33
N LEU B 60 36.56 -30.85 -9.80
CA LEU B 60 35.75 -29.95 -10.60
C LEU B 60 35.81 -28.50 -10.16
N GLU B 61 36.01 -27.63 -11.14
CA GLU B 61 36.03 -26.19 -10.90
C GLU B 61 34.61 -25.65 -11.01
N THR B 62 34.33 -24.62 -10.23
CA THR B 62 32.98 -24.08 -10.12
C THR B 62 32.76 -22.96 -11.14
N LEU B 63 31.51 -22.85 -11.59
CA LEU B 63 31.12 -21.89 -12.61
C LEU B 63 30.46 -20.68 -11.94
N CYS B 64 30.68 -19.49 -12.47
CA CYS B 64 29.90 -18.37 -11.99
C CYS B 64 29.75 -17.31 -13.06
N CYS B 65 28.69 -16.51 -12.92
CA CYS B 65 28.36 -15.49 -13.90
C CYS B 65 29.38 -14.37 -13.87
N ALA B 66 30.12 -14.20 -14.98
CA ALA B 66 31.07 -13.11 -15.17
C ALA B 66 30.52 -11.74 -14.79
N GLY B 67 29.18 -11.55 -14.81
CA GLY B 67 28.51 -10.30 -14.56
C GLY B 67 28.32 -9.97 -13.10
N CYS B 68 27.66 -10.84 -12.34
CA CYS B 68 27.31 -10.57 -10.95
C CYS B 68 27.99 -11.51 -9.95
N SER B 69 28.64 -12.56 -10.44
CA SER B 69 29.40 -13.49 -9.62
C SER B 69 28.48 -14.44 -8.88
N LEU B 70 27.29 -14.70 -9.45
CA LEU B 70 26.42 -15.74 -8.91
C LEU B 70 27.01 -17.11 -9.24
N ASN B 71 27.00 -18.00 -8.26
CA ASN B 71 27.38 -19.39 -8.48
C ASN B 71 26.43 -20.10 -9.44
N LEU B 72 26.94 -20.54 -10.61
CA LEU B 72 26.11 -21.15 -11.65
C LEU B 72 26.22 -22.67 -11.76
N GLY B 73 27.22 -23.29 -11.20
CA GLY B 73 27.37 -24.74 -11.30
C GLY B 73 28.83 -25.15 -11.22
N TYR B 74 29.20 -26.13 -12.03
CA TYR B 74 30.52 -26.75 -11.95
C TYR B 74 30.82 -27.46 -13.27
N VAL B 75 32.11 -27.69 -13.53
CA VAL B 75 32.59 -28.47 -14.67
C VAL B 75 33.34 -29.66 -14.08
N TYR B 76 33.15 -30.84 -14.65
CA TYR B 76 34.02 -31.95 -14.30
C TYR B 76 35.32 -31.86 -15.08
N ARG B 77 36.45 -31.76 -14.38
CA ARG B 77 37.75 -31.74 -15.03
C ARG B 77 38.46 -33.09 -14.99
N CYS B 78 38.41 -33.79 -13.86
CA CYS B 78 39.04 -35.09 -13.69
C CYS B 78 38.00 -36.06 -13.12
N THR B 79 37.94 -37.27 -13.67
CA THR B 79 36.83 -38.20 -13.49
C THR B 79 37.34 -39.62 -13.62
N PRO B 80 36.68 -40.61 -13.01
CA PRO B 80 36.98 -42.01 -13.30
C PRO B 80 36.37 -42.43 -14.63
N LYS B 81 36.80 -43.60 -15.14
CA LYS B 81 36.37 -44.02 -16.48
C LYS B 81 34.86 -43.98 -16.66
N ASN B 82 34.09 -44.25 -15.59
CA ASN B 82 32.64 -44.32 -15.72
C ASN B 82 32.01 -42.96 -15.95
N LEU B 83 32.71 -41.88 -15.60
CA LEU B 83 32.14 -40.54 -15.67
C LEU B 83 32.78 -39.71 -16.78
N ASP B 84 33.46 -40.35 -17.73
CA ASP B 84 34.17 -39.56 -18.72
C ASP B 84 33.24 -38.79 -19.62
N TYR B 85 31.96 -39.18 -19.70
CA TYR B 85 31.04 -38.45 -20.57
C TYR B 85 30.68 -37.09 -19.98
N LYS B 86 30.60 -36.98 -18.66
CA LYS B 86 30.34 -35.68 -18.04
C LYS B 86 31.55 -34.77 -18.05
N ARG B 87 32.73 -35.32 -18.31
CA ARG B 87 33.97 -34.57 -18.25
C ARG B 87 33.98 -33.46 -19.31
N ASP B 88 34.32 -32.24 -18.87
CA ASP B 88 34.40 -31.02 -19.65
C ASP B 88 33.04 -30.46 -20.05
N LEU B 89 31.93 -31.04 -19.58
CA LEU B 89 30.60 -30.49 -19.78
C LEU B 89 30.28 -29.51 -18.66
N PHE B 90 29.51 -28.48 -19.00
CA PHE B 90 29.14 -27.45 -18.04
C PHE B 90 27.82 -27.81 -17.36
N CYS B 91 27.87 -28.06 -16.06
CA CYS B 91 26.67 -28.34 -15.29
C CYS B 91 26.16 -27.04 -14.71
N LEU B 92 24.96 -26.65 -15.13
CA LEU B 92 24.31 -25.43 -14.68
C LEU B 92 23.15 -25.80 -13.78
N SER B 93 23.17 -25.30 -12.54
CA SER B 93 22.07 -25.49 -11.62
C SER B 93 20.81 -24.83 -12.15
N VAL B 94 19.70 -25.57 -12.16
CA VAL B 94 18.42 -25.00 -12.56
C VAL B 94 18.02 -23.85 -11.63
N GLU B 95 18.29 -23.95 -10.34
CA GLU B 95 17.94 -22.86 -9.43
C GLU B 95 18.78 -21.56 -9.63
N ALA B 96 19.58 -21.49 -10.69
CA ALA B 96 20.44 -20.33 -10.93
C ALA B 96 20.32 -19.77 -12.32
N ILE B 97 19.59 -20.44 -13.21
CA ILE B 97 19.30 -19.97 -14.55
C ILE B 97 17.79 -19.79 -14.71
N GLU B 98 17.41 -18.87 -15.59
CA GLU B 98 16.04 -18.70 -16.03
C GLU B 98 15.98 -18.90 -17.54
N SER B 99 14.96 -19.64 -18.01
CA SER B 99 14.78 -19.93 -19.42
C SER B 99 13.90 -18.88 -20.07
N TYR B 100 14.29 -18.45 -21.27
CA TYR B 100 13.40 -17.77 -22.19
C TYR B 100 13.16 -18.71 -23.38
N VAL B 101 11.90 -18.89 -23.74
CA VAL B 101 11.52 -19.82 -24.80
C VAL B 101 11.17 -19.02 -26.05
N LEU B 102 11.73 -19.41 -27.20
CA LEU B 102 11.52 -18.63 -28.42
C LEU B 102 10.17 -19.00 -29.02
N GLY B 103 9.38 -17.99 -29.39
CA GLY B 103 8.02 -18.22 -29.84
C GLY B 103 7.00 -17.65 -28.87
N SER B 104 6.16 -16.75 -29.36
CA SER B 104 5.23 -16.04 -28.50
C SER B 104 3.82 -16.06 -29.11
N ARG C 3 1.78 -22.87 5.75
CA ARG C 3 2.33 -22.40 7.02
C ARG C 3 3.81 -21.91 7.08
N PRO C 4 4.61 -22.07 6.01
CA PRO C 4 5.96 -21.48 6.03
C PRO C 4 6.06 -20.12 5.36
N LEU C 5 7.17 -19.44 5.66
CA LEU C 5 7.40 -18.06 5.27
C LEU C 5 8.59 -17.92 4.33
N VAL C 6 8.54 -16.88 3.50
CA VAL C 6 9.61 -16.48 2.60
C VAL C 6 10.03 -15.08 3.00
N PHE C 7 11.33 -14.83 3.10
CA PHE C 7 11.82 -13.55 3.58
C PHE C 7 12.33 -12.73 2.42
N LEU C 8 11.80 -11.54 2.26
CA LEU C 8 12.03 -10.71 1.10
C LEU C 8 12.68 -9.40 1.50
N CYS C 9 13.55 -8.90 0.64
CA CYS C 9 14.22 -7.63 0.90
C CYS C 9 13.22 -6.48 0.86
N SER C 10 13.24 -5.62 1.88
CA SER C 10 12.51 -4.35 1.79
C SER C 10 12.75 -3.65 0.46
N GLY C 11 14.01 -3.47 0.08
CA GLY C 11 14.34 -2.60 -1.04
C GLY C 11 13.79 -3.07 -2.37
N CYS C 12 14.04 -4.34 -2.71
CA CYS C 12 13.75 -4.84 -4.04
C CYS C 12 12.86 -6.06 -4.05
N ARG C 13 12.58 -6.66 -2.91
CA ARG C 13 11.75 -7.84 -2.78
C ARG C 13 12.47 -9.13 -3.21
N ARG C 14 13.78 -9.10 -3.46
CA ARG C 14 14.47 -10.33 -3.81
C ARG C 14 14.40 -11.29 -2.63
N PRO C 15 14.27 -12.60 -2.88
CA PRO C 15 14.18 -13.54 -1.75
C PRO C 15 15.49 -13.64 -0.99
N LEU C 16 15.43 -13.43 0.32
CA LEU C 16 16.60 -13.56 1.18
C LEU C 16 16.69 -14.92 1.87
N GLY C 17 15.57 -15.54 2.16
CA GLY C 17 15.59 -16.85 2.79
C GLY C 17 14.18 -17.24 3.16
N ASP C 18 14.06 -18.48 3.63
CA ASP C 18 12.76 -19.01 4.02
C ASP C 18 12.85 -19.59 5.42
N SER C 19 11.67 -19.85 5.98
CA SER C 19 11.51 -20.17 7.39
C SER C 19 11.88 -21.59 7.73
N LEU C 20 12.33 -22.39 6.77
CA LEU C 20 12.85 -23.71 7.09
C LEU C 20 14.24 -23.65 7.71
N SER C 21 14.68 -22.45 8.11
CA SER C 21 15.93 -22.22 8.81
C SER C 21 15.78 -21.30 10.02
N TRP C 22 14.56 -20.96 10.40
CA TRP C 22 14.35 -20.02 11.50
C TRP C 22 14.91 -20.60 12.79
N VAL C 23 15.62 -19.76 13.55
CA VAL C 23 16.07 -20.12 14.89
C VAL C 23 15.60 -19.01 15.84
N ALA C 24 15.23 -19.40 17.05
CA ALA C 24 14.68 -18.46 18.03
C ALA C 24 15.61 -18.27 19.24
N ASN C 30 15.63 -8.90 18.35
CA ASN C 30 14.77 -8.00 17.57
C ASN C 30 15.06 -8.04 16.07
N CYS C 31 15.18 -9.26 15.54
CA CYS C 31 15.62 -9.59 14.20
C CYS C 31 15.50 -11.11 14.11
N ILE C 32 15.53 -11.64 12.90
CA ILE C 32 15.27 -13.06 12.71
C ILE C 32 16.58 -13.79 12.38
N LEU C 33 16.72 -15.00 12.92
CA LEU C 33 17.97 -15.76 12.87
C LEU C 33 17.82 -16.97 11.96
N LEU C 34 18.54 -16.95 10.84
CA LEU C 34 18.49 -18.00 9.82
C LEU C 34 19.77 -18.79 9.80
N ARG C 35 19.64 -20.11 9.90
CA ARG C 35 20.78 -21.00 9.84
C ARG C 35 21.50 -20.87 8.50
N CYS C 36 20.74 -20.62 7.43
CA CYS C 36 21.31 -20.45 6.11
C CYS C 36 20.40 -19.55 5.29
N VAL C 37 20.98 -18.89 4.28
CA VAL C 37 20.29 -17.83 3.55
C VAL C 37 20.40 -18.08 2.06
N SER C 38 19.88 -17.13 1.31
CA SER C 38 19.80 -17.12 -0.14
C SER C 38 20.97 -16.35 -0.74
N CYS C 39 21.22 -16.62 -2.02
CA CYS C 39 22.28 -15.94 -2.75
C CYS C 39 22.12 -14.43 -2.81
N ASN C 40 20.92 -13.90 -2.50
CA ASN C 40 20.73 -12.46 -2.50
C ASN C 40 21.23 -11.79 -1.23
N VAL C 41 21.60 -12.57 -0.22
CA VAL C 41 22.22 -12.04 0.99
C VAL C 41 23.72 -12.06 0.77
N SER C 42 24.35 -10.90 0.83
CA SER C 42 25.75 -10.75 0.50
C SER C 42 26.53 -10.32 1.75
N VAL C 43 27.62 -11.03 2.03
CA VAL C 43 28.39 -10.83 3.27
C VAL C 43 29.56 -9.88 3.01
N ASP C 44 29.43 -8.63 3.43
CA ASP C 44 30.52 -7.67 3.30
C ASP C 44 31.82 -8.24 3.87
N LYS C 45 32.94 -7.77 3.32
CA LYS C 45 34.24 -8.35 3.62
C LYS C 45 34.79 -7.82 4.93
N GLU C 46 34.57 -6.53 5.21
CA GLU C 46 35.05 -5.88 6.42
C GLU C 46 34.26 -6.29 7.66
N GLN C 47 34.98 -6.69 8.71
CA GLN C 47 34.36 -6.96 10.00
C GLN C 47 34.40 -5.72 10.89
N LYS C 48 33.59 -5.73 11.94
CA LYS C 48 33.57 -4.60 12.86
C LYS C 48 33.15 -5.01 14.27
N LEU C 49 33.79 -4.39 15.27
CA LEU C 49 33.38 -4.60 16.65
C LEU C 49 31.98 -4.09 16.90
N SER C 50 31.21 -4.86 17.67
CA SER C 50 29.86 -4.48 18.02
C SER C 50 29.92 -3.34 19.04
N LYS C 51 29.42 -2.18 18.64
CA LYS C 51 29.36 -1.02 19.51
C LYS C 51 28.24 -1.14 20.54
N ARG C 52 27.38 -2.15 20.40
CA ARG C 52 26.21 -2.28 21.24
C ARG C 52 26.59 -2.76 22.65
N GLU C 53 25.98 -2.14 23.67
CA GLU C 53 26.51 -2.21 25.04
C GLU C 53 26.60 -3.64 25.55
N LYS C 54 25.59 -4.45 25.26
CA LYS C 54 25.56 -5.80 25.80
C LYS C 54 26.27 -6.80 24.90
N GLU C 55 26.90 -6.33 23.83
CA GLU C 55 27.63 -7.19 22.92
C GLU C 55 29.15 -7.01 23.03
N ASN C 56 29.65 -6.82 24.24
CA ASN C 56 31.08 -6.90 24.48
C ASN C 56 31.68 -8.15 23.87
N GLY C 57 32.83 -8.00 23.22
CA GLY C 57 33.51 -9.19 22.71
C GLY C 57 32.93 -9.76 21.45
N CYS C 58 32.13 -9.00 20.73
CA CYS C 58 31.48 -9.49 19.53
C CYS C 58 32.12 -8.85 18.32
N VAL C 59 32.58 -9.69 17.42
CA VAL C 59 33.00 -9.26 16.10
C VAL C 59 31.89 -9.69 15.16
N LEU C 60 31.41 -8.76 14.34
CA LEU C 60 30.38 -9.09 13.38
C LEU C 60 30.69 -8.44 12.05
N GLU C 61 30.25 -9.09 10.98
CA GLU C 61 30.42 -8.58 9.63
C GLU C 61 29.05 -8.41 9.00
N THR C 62 28.89 -7.30 8.28
CA THR C 62 27.58 -6.83 7.83
C THR C 62 27.02 -7.71 6.75
N LEU C 63 25.69 -7.73 6.63
CA LEU C 63 25.01 -8.30 5.49
C LEU C 63 24.34 -7.18 4.70
N CYS C 64 24.22 -7.38 3.39
CA CYS C 64 23.44 -6.47 2.55
C CYS C 64 22.89 -7.22 1.34
N CYS C 65 21.86 -6.62 0.72
CA CYS C 65 21.21 -7.24 -0.41
C CYS C 65 22.12 -7.21 -1.64
N ALA C 66 22.28 -8.35 -2.30
CA ALA C 66 23.16 -8.38 -3.47
C ALA C 66 22.60 -7.56 -4.61
N GLY C 67 21.29 -7.33 -4.60
CA GLY C 67 20.61 -6.61 -5.66
C GLY C 67 20.57 -5.11 -5.47
N CYS C 68 20.12 -4.63 -4.30
CA CYS C 68 19.98 -3.19 -4.07
C CYS C 68 20.96 -2.61 -3.06
N SER C 69 21.84 -3.43 -2.47
CA SER C 69 22.87 -3.06 -1.50
C SER C 69 22.32 -2.59 -0.17
N LEU C 70 21.03 -2.80 0.07
CA LEU C 70 20.40 -2.38 1.31
C LEU C 70 21.03 -3.11 2.49
N ASN C 71 21.29 -2.41 3.56
CA ASN C 71 21.81 -3.03 4.73
C ASN C 71 20.80 -3.93 5.30
N LEU C 72 21.12 -5.18 5.46
CA LEU C 72 20.15 -6.09 5.98
C LEU C 72 20.38 -6.73 7.27
N GLY C 73 21.45 -6.46 7.98
CA GLY C 73 21.67 -7.20 9.21
C GLY C 73 23.12 -7.57 9.34
N TYR C 74 23.45 -8.58 10.10
CA TYR C 74 24.87 -8.88 10.29
C TYR C 74 25.04 -10.34 10.68
N VAL C 75 26.29 -10.74 10.89
CA VAL C 75 26.64 -12.11 11.27
C VAL C 75 27.69 -12.04 12.37
N TYR C 76 27.50 -12.79 13.45
CA TYR C 76 28.42 -12.76 14.58
C TYR C 76 29.59 -13.69 14.31
N ARG C 77 30.77 -13.14 14.03
CA ARG C 77 31.95 -13.96 13.83
C ARG C 77 32.52 -14.45 15.15
N CYS C 78 32.77 -13.53 16.06
CA CYS C 78 33.37 -13.83 17.35
C CYS C 78 32.40 -13.41 18.44
N THR C 79 32.07 -14.33 19.35
CA THR C 79 31.13 -14.05 20.42
C THR C 79 31.63 -14.65 21.72
N PRO C 80 31.23 -14.08 22.87
CA PRO C 80 31.39 -14.75 24.17
C PRO C 80 30.59 -16.04 24.29
N LYS C 81 30.73 -16.75 25.41
CA LYS C 81 30.06 -18.04 25.55
C LYS C 81 28.55 -17.89 25.43
N ASN C 82 27.95 -17.00 26.23
CA ASN C 82 26.50 -16.84 26.30
C ASN C 82 25.88 -16.37 24.99
N LEU C 83 26.67 -16.10 23.96
CA LEU C 83 26.13 -15.78 22.65
C LEU C 83 26.66 -16.73 21.59
N ASP C 84 27.31 -17.82 21.99
CA ASP C 84 27.69 -18.88 21.04
C ASP C 84 26.50 -19.30 20.18
N TYR C 85 25.33 -19.44 20.80
CA TYR C 85 24.16 -19.97 20.10
C TYR C 85 23.92 -19.27 18.77
N LYS C 86 24.26 -17.98 18.66
CA LYS C 86 23.98 -17.23 17.44
C LYS C 86 25.22 -16.98 16.59
N ARG C 87 26.36 -17.55 16.95
CA ARG C 87 27.50 -17.43 16.06
C ARG C 87 27.23 -18.16 14.75
N ASP C 88 27.61 -17.51 13.65
CA ASP C 88 27.49 -18.00 12.27
C ASP C 88 26.03 -18.10 11.83
N LEU C 89 25.10 -17.57 12.59
CA LEU C 89 23.74 -17.42 12.11
C LEU C 89 23.63 -16.08 11.41
N PHE C 90 22.75 -16.02 10.41
CA PHE C 90 22.44 -14.79 9.72
C PHE C 90 21.35 -14.06 10.49
N CYS C 91 21.61 -12.82 10.88
CA CYS C 91 20.67 -12.03 11.66
C CYS C 91 20.12 -10.94 10.74
N LEU C 92 19.12 -11.33 9.96
CA LEU C 92 18.33 -10.37 9.20
C LEU C 92 17.53 -9.50 10.17
N SER C 93 17.73 -8.18 10.07
CA SER C 93 16.92 -7.24 10.84
C SER C 93 15.48 -7.23 10.37
N VAL C 94 14.54 -7.33 11.30
CA VAL C 94 13.13 -7.32 10.94
C VAL C 94 12.72 -6.03 10.22
N GLU C 95 13.49 -4.95 10.38
CA GLU C 95 13.12 -3.72 9.68
C GLU C 95 13.51 -3.77 8.22
N ALA C 96 14.41 -4.66 7.83
CA ALA C 96 14.98 -4.71 6.49
C ALA C 96 14.36 -5.79 5.63
N ILE C 97 13.53 -6.66 6.20
CA ILE C 97 12.88 -7.70 5.41
C ILE C 97 11.37 -7.56 5.54
N GLU C 98 10.67 -8.09 4.55
CA GLU C 98 9.24 -8.30 4.62
C GLU C 98 8.96 -9.78 4.39
N SER C 99 7.78 -10.25 4.78
CA SER C 99 7.51 -11.67 4.75
C SER C 99 6.34 -12.00 3.83
N TYR C 100 6.31 -13.25 3.39
CA TYR C 100 5.22 -13.78 2.60
C TYR C 100 4.90 -15.18 3.13
N VAL C 101 3.63 -15.39 3.51
CA VAL C 101 3.21 -16.63 4.16
C VAL C 101 2.50 -17.50 3.13
N LEU C 102 2.92 -18.77 3.03
CA LEU C 102 2.39 -19.65 2.01
C LEU C 102 1.01 -20.12 2.46
N GLY C 103 -0.04 -19.56 1.88
CA GLY C 103 -1.37 -19.92 2.33
C GLY C 103 -2.34 -18.76 2.24
N SER C 104 -1.82 -17.60 1.87
CA SER C 104 -2.68 -16.43 1.63
C SER C 104 -3.09 -16.32 0.14
N GLU D 2 8.95 -33.34 -2.06
CA GLU D 2 9.55 -32.25 -2.80
C GLU D 2 9.65 -31.01 -1.91
N ARG D 3 9.87 -29.85 -2.51
CA ARG D 3 9.86 -28.58 -1.82
C ARG D 3 8.84 -27.66 -2.47
N PRO D 4 8.31 -26.67 -1.75
CA PRO D 4 7.35 -25.74 -2.35
C PRO D 4 7.99 -24.49 -2.94
N LEU D 5 7.31 -23.95 -3.94
CA LEU D 5 7.75 -22.78 -4.69
C LEU D 5 6.98 -21.53 -4.28
N VAL D 6 7.52 -20.39 -4.66
CA VAL D 6 6.84 -19.10 -4.56
C VAL D 6 7.06 -18.36 -5.85
N PHE D 7 6.00 -17.74 -6.36
CA PHE D 7 6.02 -17.10 -7.66
C PHE D 7 6.02 -15.59 -7.46
N LEU D 8 6.94 -14.93 -8.14
CA LEU D 8 7.20 -13.51 -7.98
C LEU D 8 7.13 -12.82 -9.34
N CYS D 9 6.66 -11.59 -9.33
CA CYS D 9 6.61 -10.80 -10.54
C CYS D 9 8.03 -10.60 -11.13
N SER D 10 8.25 -11.05 -12.37
CA SER D 10 9.48 -10.70 -13.10
C SER D 10 9.79 -9.23 -13.00
N GLY D 11 8.77 -8.38 -12.86
CA GLY D 11 9.00 -6.96 -12.90
C GLY D 11 9.59 -6.41 -11.61
N CYS D 12 8.92 -6.67 -10.50
CA CYS D 12 9.24 -6.05 -9.22
C CYS D 12 9.35 -7.05 -8.09
N ARG D 13 9.05 -8.32 -8.33
CA ARG D 13 9.24 -9.42 -7.41
C ARG D 13 8.20 -9.45 -6.30
N ARG D 14 7.16 -8.63 -6.36
CA ARG D 14 6.04 -8.80 -5.44
C ARG D 14 5.51 -10.23 -5.54
N PRO D 15 5.05 -10.82 -4.44
CA PRO D 15 4.60 -12.22 -4.49
C PRO D 15 3.21 -12.35 -5.10
N LEU D 16 3.02 -13.42 -5.86
CA LEU D 16 1.76 -13.62 -6.56
C LEU D 16 1.02 -14.87 -6.09
N GLY D 17 1.73 -15.97 -5.87
CA GLY D 17 1.12 -17.17 -5.36
C GLY D 17 2.21 -18.17 -5.08
N ASP D 18 1.83 -19.28 -4.47
CA ASP D 18 2.75 -20.34 -4.12
C ASP D 18 2.23 -21.69 -4.62
N SER D 19 3.13 -22.67 -4.65
CA SER D 19 2.84 -23.97 -5.23
C SER D 19 1.77 -24.74 -4.46
N LEU D 20 1.35 -24.22 -3.32
CA LEU D 20 0.24 -24.81 -2.58
C LEU D 20 -1.06 -24.81 -3.39
N SER D 21 -1.20 -23.92 -4.38
CA SER D 21 -2.44 -23.72 -5.11
C SER D 21 -2.26 -23.94 -6.60
N TRP D 22 -1.34 -24.81 -7.00
CA TRP D 22 -0.96 -25.02 -8.39
C TRP D 22 -1.53 -26.34 -8.89
N VAL D 23 -1.96 -26.39 -10.15
CA VAL D 23 -2.43 -27.62 -10.78
C VAL D 23 -1.85 -27.70 -12.19
N ALA D 24 -1.73 -28.93 -12.70
CA ALA D 24 -1.17 -29.19 -14.03
C ALA D 24 0.19 -28.47 -14.27
N ASN D 30 1.86 -23.73 -21.60
CA ASN D 30 3.07 -22.90 -21.54
C ASN D 30 3.04 -21.90 -20.38
N CYS D 31 2.08 -22.10 -19.46
CA CYS D 31 1.83 -21.25 -18.31
C CYS D 31 1.55 -22.16 -17.13
N ILE D 32 1.66 -21.62 -15.94
CA ILE D 32 1.35 -22.38 -14.72
C ILE D 32 -0.01 -21.95 -14.17
N LEU D 33 -0.89 -22.92 -13.95
CA LEU D 33 -2.26 -22.62 -13.53
C LEU D 33 -2.37 -22.62 -12.00
N LEU D 34 -2.97 -21.56 -11.47
CA LEU D 34 -3.09 -21.38 -10.02
C LEU D 34 -4.55 -21.30 -9.61
N ARG D 35 -4.91 -22.06 -8.58
CA ARG D 35 -6.26 -22.01 -8.03
C ARG D 35 -6.47 -20.73 -7.24
N CYS D 36 -5.43 -20.22 -6.59
CA CYS D 36 -5.54 -19.03 -5.75
C CYS D 36 -4.32 -18.14 -5.98
N VAL D 37 -4.52 -16.82 -5.92
CA VAL D 37 -3.44 -15.85 -6.03
C VAL D 37 -3.62 -14.78 -4.97
N SER D 38 -2.61 -13.92 -4.86
CA SER D 38 -2.49 -12.98 -3.76
C SER D 38 -3.01 -11.61 -4.17
N CYS D 39 -2.94 -10.68 -3.21
CA CYS D 39 -3.44 -9.33 -3.38
C CYS D 39 -2.62 -8.57 -4.42
N ASN D 40 -1.66 -9.23 -5.05
CA ASN D 40 -0.78 -8.57 -5.98
C ASN D 40 -1.07 -8.92 -7.43
N VAL D 41 -1.86 -9.94 -7.69
CA VAL D 41 -2.45 -10.13 -9.01
C VAL D 41 -3.75 -9.36 -9.03
N SER D 42 -3.96 -8.52 -10.05
CA SER D 42 -5.17 -7.73 -10.13
C SER D 42 -5.84 -7.98 -11.48
N VAL D 43 -7.18 -8.02 -11.48
CA VAL D 43 -7.97 -8.43 -12.65
C VAL D 43 -8.51 -7.20 -13.37
N ASP D 44 -8.37 -7.19 -14.69
CA ASP D 44 -8.86 -6.12 -15.55
C ASP D 44 -10.22 -6.61 -16.04
N LYS D 45 -11.28 -6.06 -15.43
CA LYS D 45 -12.65 -6.59 -15.50
C LYS D 45 -13.40 -6.24 -16.79
N GLU D 46 -12.64 -5.98 -17.86
CA GLU D 46 -13.16 -5.77 -19.21
C GLU D 46 -12.85 -7.03 -20.02
N GLN D 47 -13.84 -7.89 -20.19
CA GLN D 47 -13.62 -9.19 -20.82
C GLN D 47 -13.19 -9.06 -22.29
N LYS D 48 -12.42 -10.05 -22.75
CA LYS D 48 -11.97 -10.11 -24.14
C LYS D 48 -12.10 -11.55 -24.65
N LEU D 49 -11.83 -11.72 -25.95
CA LEU D 49 -12.02 -12.99 -26.66
C LEU D 49 -10.68 -13.69 -26.87
N SER D 50 -10.76 -14.92 -27.38
CA SER D 50 -9.59 -15.79 -27.56
C SER D 50 -9.68 -16.66 -28.82
N GLY D 57 -13.71 -19.98 -29.23
CA GLY D 57 -13.15 -18.79 -28.59
C GLY D 57 -13.76 -18.54 -27.23
N CYS D 58 -12.90 -18.42 -26.20
CA CYS D 58 -13.33 -18.30 -24.81
C CYS D 58 -13.23 -16.87 -24.32
N VAL D 59 -14.13 -16.53 -23.38
CA VAL D 59 -14.17 -15.20 -22.78
C VAL D 59 -13.24 -15.19 -21.59
N LEU D 60 -12.42 -14.14 -21.47
CA LEU D 60 -11.39 -14.12 -20.46
C LEU D 60 -11.02 -12.69 -20.11
N GLU D 61 -10.53 -12.49 -18.88
CA GLU D 61 -9.98 -11.24 -18.40
C GLU D 61 -8.47 -11.39 -18.25
N THR D 62 -7.75 -10.27 -18.37
CA THR D 62 -6.29 -10.29 -18.39
C THR D 62 -5.72 -9.83 -17.03
N LEU D 63 -4.51 -10.29 -16.70
CA LEU D 63 -3.97 -10.13 -15.35
C LEU D 63 -2.74 -9.24 -15.34
N CYS D 64 -2.75 -8.22 -14.48
CA CYS D 64 -1.66 -7.28 -14.26
C CYS D 64 -1.04 -7.53 -12.89
N CYS D 65 0.23 -7.14 -12.75
CA CYS D 65 0.76 -6.98 -11.40
C CYS D 65 0.17 -5.71 -10.79
N ALA D 66 -0.39 -5.84 -9.59
CA ALA D 66 -1.05 -4.71 -8.95
C ALA D 66 -0.12 -3.53 -8.78
N GLY D 67 1.17 -3.81 -8.52
CA GLY D 67 2.09 -2.75 -8.15
C GLY D 67 2.94 -2.18 -9.27
N CYS D 68 3.33 -3.02 -10.24
CA CYS D 68 4.25 -2.60 -11.30
C CYS D 68 3.67 -2.70 -12.70
N SER D 69 2.43 -3.17 -12.82
CA SER D 69 1.60 -3.14 -14.03
C SER D 69 2.06 -4.11 -15.11
N LEU D 70 2.98 -5.02 -14.81
CA LEU D 70 3.43 -5.99 -15.80
C LEU D 70 2.27 -6.91 -16.18
N ASN D 71 2.13 -7.13 -17.48
CA ASN D 71 1.04 -7.93 -18.03
C ASN D 71 1.35 -9.41 -17.83
N LEU D 72 0.67 -10.07 -16.88
CA LEU D 72 1.19 -11.33 -16.41
C LEU D 72 0.24 -12.52 -16.52
N GLY D 73 -0.77 -12.46 -17.38
CA GLY D 73 -1.51 -13.67 -17.67
C GLY D 73 -2.99 -13.40 -17.87
N TYR D 74 -3.80 -14.46 -17.71
CA TYR D 74 -5.22 -14.40 -18.01
C TYR D 74 -6.00 -15.39 -17.14
N VAL D 75 -7.33 -15.19 -17.09
CA VAL D 75 -8.29 -16.06 -16.40
C VAL D 75 -9.46 -16.28 -17.33
N TYR D 76 -9.78 -17.53 -17.64
CA TYR D 76 -10.95 -17.81 -18.45
C TYR D 76 -12.19 -17.73 -17.56
N ARG D 77 -13.12 -16.85 -17.92
CA ARG D 77 -14.36 -16.80 -17.15
C ARG D 77 -15.46 -17.68 -17.76
N CYS D 78 -15.51 -17.78 -19.09
CA CYS D 78 -16.53 -18.53 -19.81
C CYS D 78 -15.86 -19.45 -20.81
N THR D 79 -16.17 -20.75 -20.74
CA THR D 79 -15.43 -21.77 -21.48
C THR D 79 -16.32 -22.79 -22.17
N PRO D 80 -15.79 -23.59 -23.09
CA PRO D 80 -16.46 -24.84 -23.48
C PRO D 80 -16.20 -25.96 -22.48
N LYS D 81 -16.85 -27.11 -22.72
CA LYS D 81 -16.77 -28.23 -21.78
C LYS D 81 -15.33 -28.72 -21.61
N ASN D 82 -14.63 -28.95 -22.72
CA ASN D 82 -13.28 -29.52 -22.62
C ASN D 82 -12.34 -28.59 -21.89
N LEU D 83 -12.60 -27.29 -21.92
CA LEU D 83 -11.80 -26.32 -21.18
C LEU D 83 -12.41 -25.95 -19.83
N ASP D 84 -13.34 -26.76 -19.31
CA ASP D 84 -13.92 -26.47 -18.01
C ASP D 84 -12.85 -26.43 -16.94
N TYR D 85 -11.78 -27.21 -17.10
CA TYR D 85 -10.77 -27.31 -16.04
C TYR D 85 -10.06 -25.99 -15.80
N LYS D 86 -9.72 -25.24 -16.86
CA LYS D 86 -9.03 -23.96 -16.70
C LYS D 86 -9.94 -22.84 -16.17
N ARG D 87 -11.26 -23.07 -16.11
CA ARG D 87 -12.23 -22.01 -15.83
C ARG D 87 -12.02 -21.44 -14.44
N ASP D 88 -11.78 -20.12 -14.38
CA ASP D 88 -11.56 -19.35 -13.17
C ASP D 88 -10.30 -19.76 -12.43
N LEU D 89 -9.42 -20.50 -13.08
CA LEU D 89 -8.05 -20.55 -12.64
C LEU D 89 -7.29 -19.36 -13.22
N PHE D 90 -6.21 -18.98 -12.52
CA PHE D 90 -5.33 -17.89 -12.94
C PHE D 90 -4.14 -18.48 -13.69
N CYS D 91 -4.09 -18.27 -15.00
CA CYS D 91 -2.95 -18.68 -15.79
C CYS D 91 -1.94 -17.54 -15.76
N LEU D 92 -0.72 -17.84 -15.34
CA LEU D 92 0.34 -16.85 -15.26
C LEU D 92 1.42 -17.20 -16.27
N SER D 93 1.67 -16.29 -17.21
CA SER D 93 2.76 -16.47 -18.17
C SER D 93 4.06 -16.78 -17.44
N VAL D 94 4.82 -17.74 -17.97
CA VAL D 94 6.10 -18.07 -17.36
C VAL D 94 7.10 -16.95 -17.57
N GLU D 95 7.14 -16.36 -18.77
CA GLU D 95 7.95 -15.16 -18.98
C GLU D 95 7.74 -14.13 -17.88
N ALA D 96 6.52 -14.07 -17.35
CA ALA D 96 6.12 -12.98 -16.49
C ALA D 96 6.37 -13.26 -15.03
N ILE D 97 6.67 -14.50 -14.65
CA ILE D 97 6.90 -14.79 -13.24
C ILE D 97 8.27 -15.39 -13.05
N GLU D 98 8.71 -15.38 -11.80
CA GLU D 98 10.02 -15.80 -11.33
C GLU D 98 9.82 -16.67 -10.09
N SER D 99 10.56 -17.77 -10.00
CA SER D 99 10.34 -18.79 -8.98
C SER D 99 11.36 -18.71 -7.83
N TYR D 100 10.91 -19.04 -6.63
CA TYR D 100 11.80 -19.26 -5.48
C TYR D 100 11.46 -20.59 -4.82
N VAL D 101 12.47 -21.46 -4.68
CA VAL D 101 12.30 -22.77 -4.04
C VAL D 101 12.66 -22.65 -2.57
N LEU D 102 11.73 -22.98 -1.68
CA LEU D 102 12.01 -23.02 -0.26
C LEU D 102 13.02 -24.15 0.02
N GLY D 103 14.07 -23.84 0.76
CA GLY D 103 15.11 -24.82 1.05
C GLY D 103 16.36 -24.69 0.18
N PRO E 4 -7.02 -0.45 27.92
CA PRO E 4 -8.25 0.04 27.27
C PRO E 4 -8.15 0.08 25.75
N LEU E 5 -9.08 -0.60 25.09
CA LEU E 5 -9.19 -0.59 23.64
C LEU E 5 -10.24 0.43 23.22
N VAL E 6 -10.22 0.76 21.94
CA VAL E 6 -11.27 1.53 21.28
C VAL E 6 -11.62 0.77 20.01
N PHE E 7 -12.89 0.54 19.78
CA PHE E 7 -13.34 -0.29 18.65
C PHE E 7 -13.78 0.60 17.50
N LEU E 8 -13.17 0.42 16.33
CA LEU E 8 -13.48 1.23 15.17
C LEU E 8 -14.17 0.40 14.10
N CYS E 9 -15.07 1.03 13.36
CA CYS E 9 -15.58 0.42 12.14
C CYS E 9 -14.43 0.17 11.16
N SER E 10 -14.55 -0.87 10.34
CA SER E 10 -13.58 -1.08 9.26
C SER E 10 -13.88 -0.27 8.02
N GLY E 11 -15.13 0.15 7.83
CA GLY E 11 -15.46 0.91 6.63
C GLY E 11 -15.11 2.37 6.56
N CYS E 12 -15.29 3.06 7.69
CA CYS E 12 -14.95 4.48 7.83
C CYS E 12 -14.13 4.82 9.10
N ARG E 13 -13.79 3.79 9.83
CA ARG E 13 -13.08 3.86 11.08
C ARG E 13 -13.65 4.74 12.13
N ARG E 14 -14.94 4.91 12.19
CA ARG E 14 -15.49 5.77 13.21
C ARG E 14 -15.47 4.99 14.47
N PRO E 15 -15.26 5.62 15.58
CA PRO E 15 -15.31 4.89 16.84
C PRO E 15 -16.71 4.32 17.08
N LEU E 16 -16.76 3.01 17.35
CA LEU E 16 -18.00 2.33 17.68
C LEU E 16 -18.22 2.20 19.16
N GLY E 17 -17.17 2.25 19.96
CA GLY E 17 -17.24 2.06 21.39
C GLY E 17 -15.89 1.66 21.92
N ASP E 18 -15.81 1.59 23.24
CA ASP E 18 -14.53 1.31 23.88
C ASP E 18 -14.69 0.19 24.90
N SER E 19 -13.56 -0.39 25.30
CA SER E 19 -13.54 -1.59 26.13
C SER E 19 -14.13 -1.37 27.52
N LEU E 20 -14.34 -0.13 27.94
CA LEU E 20 -14.94 0.11 29.26
C LEU E 20 -16.36 -0.44 29.38
N SER E 21 -16.98 -0.88 28.29
CA SER E 21 -18.27 -1.56 28.31
C SER E 21 -18.23 -2.89 27.60
N TRP E 22 -17.10 -3.57 27.72
CA TRP E 22 -16.89 -4.87 27.13
C TRP E 22 -17.17 -5.99 28.12
N VAL E 23 -17.97 -6.96 27.70
CA VAL E 23 -18.16 -8.15 28.51
C VAL E 23 -17.75 -9.37 27.68
N ALA E 24 -17.22 -10.38 28.36
CA ALA E 24 -16.76 -11.60 27.69
C ALA E 24 -17.82 -12.69 27.68
N THR E 29 -19.58 -16.04 21.21
CA THR E 29 -18.33 -15.52 21.77
C THR E 29 -17.20 -15.39 20.71
N ASN E 30 -17.58 -15.26 19.44
CA ASN E 30 -16.69 -14.79 18.38
C ASN E 30 -16.94 -13.31 18.04
N CYS E 31 -18.03 -12.76 18.54
CA CYS E 31 -18.30 -11.33 18.45
C CYS E 31 -17.83 -10.64 19.73
N ILE E 32 -17.49 -9.36 19.61
CA ILE E 32 -17.21 -8.53 20.77
C ILE E 32 -18.53 -8.06 21.36
N LEU E 33 -18.72 -8.34 22.65
CA LEU E 33 -19.93 -7.94 23.34
C LEU E 33 -19.74 -6.58 24.01
N LEU E 34 -20.64 -5.65 23.74
CA LEU E 34 -20.58 -4.30 24.28
C LEU E 34 -21.88 -3.92 24.98
N ARG E 35 -21.75 -3.40 26.20
CA ARG E 35 -22.91 -2.93 26.95
C ARG E 35 -23.51 -1.66 26.35
N CYS E 36 -22.71 -0.84 25.66
CA CYS E 36 -23.24 0.31 24.92
C CYS E 36 -22.20 0.79 23.91
N VAL E 37 -22.63 1.69 23.01
CA VAL E 37 -21.88 2.00 21.81
C VAL E 37 -22.05 3.46 21.42
N SER E 38 -21.14 3.94 20.56
CA SER E 38 -21.17 5.28 19.97
C SER E 38 -22.42 5.56 19.16
N CYS E 39 -22.66 6.82 18.89
CA CYS E 39 -23.69 7.20 17.93
C CYS E 39 -23.51 6.66 16.52
N ASN E 40 -22.40 5.99 16.22
CA ASN E 40 -22.18 5.51 14.88
C ASN E 40 -22.67 4.09 14.69
N VAL E 41 -23.16 3.47 15.76
CA VAL E 41 -23.78 2.16 15.69
C VAL E 41 -25.27 2.43 15.61
N SER E 42 -25.82 2.37 14.41
CA SER E 42 -27.25 2.52 14.21
C SER E 42 -27.92 1.15 14.32
N VAL E 43 -29.10 1.11 14.95
CA VAL E 43 -29.88 -0.12 15.11
C VAL E 43 -30.94 -0.16 14.02
N ASP E 44 -30.86 -1.14 13.12
CA ASP E 44 -31.93 -1.31 12.16
C ASP E 44 -33.20 -1.80 12.86
N LYS E 45 -34.34 -1.23 12.47
CA LYS E 45 -35.54 -1.39 13.26
C LYS E 45 -36.32 -2.65 12.91
N GLU E 46 -36.32 -3.11 11.65
CA GLU E 46 -37.03 -4.34 11.35
C GLU E 46 -36.24 -5.56 11.85
N GLN E 47 -36.97 -6.52 12.41
CA GLN E 47 -36.40 -7.68 13.06
C GLN E 47 -36.41 -8.88 12.13
N LYS E 48 -35.32 -9.63 12.15
CA LYS E 48 -35.18 -10.83 11.35
C LYS E 48 -35.06 -12.03 12.29
N LEU E 49 -35.50 -13.20 11.81
CA LEU E 49 -35.13 -14.46 12.47
C LEU E 49 -33.68 -14.82 12.18
N SER E 50 -32.95 -15.21 13.22
CA SER E 50 -31.58 -15.66 13.02
C SER E 50 -31.60 -16.94 12.20
N LYS E 51 -30.68 -17.05 11.25
CA LYS E 51 -30.55 -18.28 10.49
C LYS E 51 -29.26 -19.01 10.79
N ARG E 52 -28.43 -18.50 11.72
CA ARG E 52 -27.18 -19.17 12.04
C ARG E 52 -27.47 -20.54 12.66
N GLU E 53 -26.47 -21.42 12.57
CA GLU E 53 -26.67 -22.84 12.86
C GLU E 53 -27.19 -23.05 14.27
N LYS E 54 -26.42 -22.60 15.27
CA LYS E 54 -26.71 -22.87 16.66
C LYS E 54 -27.51 -21.75 17.30
N GLU E 55 -28.28 -20.99 16.53
CA GLU E 55 -29.10 -19.94 17.13
C GLU E 55 -30.63 -20.10 16.97
N ASN E 56 -31.12 -21.34 17.08
CA ASN E 56 -32.56 -21.57 17.04
C ASN E 56 -33.34 -20.68 18.01
N GLY E 57 -34.50 -20.20 17.56
CA GLY E 57 -35.30 -19.37 18.43
C GLY E 57 -34.76 -18.00 18.71
N CYS E 58 -33.90 -17.45 17.85
CA CYS E 58 -33.32 -16.14 18.08
C CYS E 58 -33.92 -15.14 17.10
N VAL E 59 -34.33 -14.00 17.63
CA VAL E 59 -34.78 -12.86 16.83
C VAL E 59 -33.80 -11.72 17.04
N LEU E 60 -33.34 -11.12 15.96
CA LEU E 60 -32.22 -10.22 16.10
C LEU E 60 -32.36 -9.11 15.06
N GLU E 61 -32.03 -7.89 15.47
CA GLU E 61 -32.00 -6.74 14.56
C GLU E 61 -30.57 -6.28 14.30
N THR E 62 -30.33 -5.82 13.08
CA THR E 62 -28.97 -5.56 12.61
C THR E 62 -28.43 -4.20 13.05
N LEU E 63 -27.15 -4.18 13.40
CA LEU E 63 -26.37 -2.98 13.61
C LEU E 63 -25.62 -2.62 12.33
N CYS E 64 -25.58 -1.33 11.98
CA CYS E 64 -24.68 -0.88 10.93
C CYS E 64 -24.03 0.44 11.34
N CYS E 65 -23.01 0.83 10.60
CA CYS E 65 -22.30 2.05 10.92
C CYS E 65 -23.09 3.24 10.39
N ALA E 66 -23.24 4.26 11.24
CA ALA E 66 -23.98 5.44 10.83
C ALA E 66 -23.38 6.04 9.56
N GLY E 67 -22.06 6.21 9.54
CA GLY E 67 -21.41 6.86 8.41
C GLY E 67 -21.42 6.02 7.13
N CYS E 68 -20.99 4.77 7.21
CA CYS E 68 -20.68 4.03 5.97
C CYS E 68 -21.63 2.88 5.67
N SER E 69 -22.59 2.60 6.54
CA SER E 69 -23.62 1.57 6.38
C SER E 69 -23.10 0.14 6.36
N LEU E 70 -21.80 -0.06 6.59
CA LEU E 70 -21.26 -1.40 6.73
C LEU E 70 -21.91 -2.13 7.91
N ASN E 71 -22.33 -3.38 7.69
CA ASN E 71 -22.93 -4.15 8.77
C ASN E 71 -21.90 -4.40 9.85
N LEU E 72 -22.33 -4.38 11.12
CA LEU E 72 -21.39 -4.42 12.24
C LEU E 72 -21.74 -5.44 13.33
N GLY E 73 -22.73 -6.28 13.12
CA GLY E 73 -23.17 -7.15 14.20
C GLY E 73 -24.68 -7.21 14.34
N TYR E 74 -25.15 -7.44 15.57
CA TYR E 74 -26.57 -7.70 15.82
C TYR E 74 -26.94 -7.28 17.24
N VAL E 75 -28.24 -7.13 17.45
CA VAL E 75 -28.84 -7.04 18.77
C VAL E 75 -29.84 -8.17 18.88
N TYR E 76 -29.70 -9.01 19.91
CA TYR E 76 -30.53 -10.20 20.11
C TYR E 76 -31.76 -9.83 20.92
N ARG E 77 -32.88 -9.59 20.25
CA ARG E 77 -34.09 -9.26 20.99
C ARG E 77 -34.73 -10.48 21.64
N CYS E 78 -34.61 -11.65 21.03
CA CYS E 78 -35.22 -12.88 21.54
C CYS E 78 -34.21 -14.00 21.46
N THR E 79 -34.00 -14.69 22.58
CA THR E 79 -32.99 -15.74 22.70
C THR E 79 -33.51 -16.81 23.64
N PRO E 80 -33.01 -18.04 23.51
CA PRO E 80 -33.30 -19.07 24.52
C PRO E 80 -32.59 -18.77 25.82
N LYS E 81 -32.70 -19.66 26.81
CA LYS E 81 -32.12 -19.36 28.11
C LYS E 81 -30.60 -19.37 28.05
N ASN E 82 -30.02 -20.34 27.35
CA ASN E 82 -28.57 -20.46 27.26
C ASN E 82 -27.95 -19.32 26.48
N LEU E 83 -28.74 -18.55 25.72
CA LEU E 83 -28.27 -17.36 25.03
C LEU E 83 -28.81 -16.07 25.65
N ASP E 84 -29.33 -16.13 26.87
CA ASP E 84 -29.78 -14.92 27.54
C ASP E 84 -28.64 -13.95 27.77
N TYR E 85 -27.47 -14.47 28.18
CA TYR E 85 -26.38 -13.61 28.64
C TYR E 85 -26.08 -12.47 27.68
N LYS E 86 -26.36 -12.66 26.39
CA LYS E 86 -26.12 -11.62 25.40
C LYS E 86 -27.38 -10.91 24.95
N ARG E 87 -28.50 -11.13 25.63
CA ARG E 87 -29.72 -10.42 25.28
C ARG E 87 -29.59 -8.96 25.68
N ASP E 88 -30.00 -8.06 24.75
CA ASP E 88 -30.00 -6.60 24.95
C ASP E 88 -28.59 -6.00 25.05
N LEU E 89 -27.63 -6.63 24.38
CA LEU E 89 -26.27 -6.13 24.26
C LEU E 89 -25.93 -6.01 22.78
N PHE E 90 -24.95 -5.15 22.50
CA PHE E 90 -24.49 -4.91 21.13
C PHE E 90 -23.41 -5.92 20.78
N CYS E 91 -23.69 -6.80 19.83
CA CYS E 91 -22.76 -7.88 19.49
C CYS E 91 -22.04 -7.50 18.21
N LEU E 92 -20.87 -6.89 18.38
CA LEU E 92 -20.10 -6.41 17.23
C LEU E 92 -19.32 -7.57 16.63
N SER E 93 -19.48 -7.78 15.34
CA SER E 93 -18.70 -8.78 14.61
C SER E 93 -17.24 -8.35 14.58
N VAL E 94 -16.34 -9.17 15.13
CA VAL E 94 -14.95 -8.73 15.12
C VAL E 94 -14.46 -8.63 13.68
N GLU E 95 -15.05 -9.39 12.76
CA GLU E 95 -14.65 -9.30 11.37
C GLU E 95 -14.90 -7.91 10.80
N ALA E 96 -15.93 -7.23 11.29
CA ALA E 96 -16.32 -5.93 10.76
C ALA E 96 -15.62 -4.77 11.46
N ILE E 97 -14.89 -5.00 12.56
CA ILE E 97 -14.22 -3.92 13.29
C ILE E 97 -12.73 -4.18 13.35
N GLU E 98 -11.99 -3.11 13.59
CA GLU E 98 -10.59 -3.09 14.00
C GLU E 98 -10.53 -2.45 15.39
N SER E 99 -9.35 -2.42 16.01
CA SER E 99 -9.27 -1.85 17.35
C SER E 99 -7.93 -1.16 17.57
N TYR E 100 -7.94 -0.17 18.46
CA TYR E 100 -6.77 0.63 18.80
C TYR E 100 -6.55 0.57 20.30
N VAL E 101 -5.33 0.14 20.71
CA VAL E 101 -4.92 -0.01 22.10
C VAL E 101 -4.04 1.15 22.52
N LEU E 102 -4.32 1.73 23.68
CA LEU E 102 -3.71 3.01 24.03
C LEU E 102 -2.25 2.78 24.43
N GLY E 103 -1.31 3.28 23.61
CA GLY E 103 0.10 2.98 23.77
C GLY E 103 0.81 2.65 22.47
N ARG F 3 -10.18 10.24 32.32
CA ARG F 3 -10.92 9.60 31.22
C ARG F 3 -10.28 9.94 29.88
N PRO F 4 -9.63 8.96 29.27
CA PRO F 4 -8.70 9.24 28.17
C PRO F 4 -9.37 9.46 26.83
N LEU F 5 -8.58 9.98 25.89
CA LEU F 5 -9.03 10.24 24.53
C LEU F 5 -8.11 9.57 23.52
N VAL F 6 -8.67 9.30 22.34
CA VAL F 6 -7.95 8.80 21.18
C VAL F 6 -8.09 9.84 20.07
N PHE F 7 -6.98 10.18 19.44
CA PHE F 7 -6.94 11.25 18.45
C PHE F 7 -6.96 10.66 17.04
N LEU F 8 -8.00 10.97 16.28
CA LEU F 8 -8.21 10.39 14.97
C LEU F 8 -7.97 11.46 13.92
N CYS F 9 -7.80 11.02 12.68
CA CYS F 9 -7.43 11.92 11.60
C CYS F 9 -8.70 12.40 10.91
N SER F 10 -8.93 13.72 10.93
CA SER F 10 -10.05 14.37 10.26
C SER F 10 -10.41 13.74 8.94
N GLY F 11 -9.41 13.28 8.21
CA GLY F 11 -9.57 12.88 6.83
C GLY F 11 -9.99 11.43 6.66
N CYS F 12 -9.47 10.54 7.49
CA CYS F 12 -9.78 9.12 7.37
C CYS F 12 -10.01 8.44 8.72
N ARG F 13 -9.92 9.16 9.83
CA ARG F 13 -10.16 8.62 11.16
C ARG F 13 -9.17 7.55 11.58
N ARG F 14 -8.00 7.47 10.92
CA ARG F 14 -6.94 6.57 11.40
C ARG F 14 -6.44 7.07 12.74
N PRO F 15 -6.22 6.18 13.71
CA PRO F 15 -5.65 6.62 14.99
C PRO F 15 -4.26 7.25 14.81
N LEU F 16 -4.03 8.33 15.55
CA LEU F 16 -2.77 9.04 15.58
C LEU F 16 -2.06 8.93 16.92
N GLY F 17 -2.80 8.78 18.00
CA GLY F 17 -2.28 8.96 19.33
C GLY F 17 -3.43 9.09 20.31
N ASP F 18 -3.07 9.11 21.60
CA ASP F 18 -4.08 9.07 22.64
C ASP F 18 -3.68 10.04 23.74
N SER F 19 -4.52 10.11 24.77
CA SER F 19 -4.31 11.10 25.83
C SER F 19 -3.15 10.74 26.74
N LEU F 20 -2.70 9.48 26.69
CA LEU F 20 -1.64 9.02 27.58
C LEU F 20 -0.28 9.62 27.25
N SER F 21 -0.17 10.37 26.15
CA SER F 21 1.05 11.08 25.78
C SER F 21 0.78 12.55 25.46
N TRP F 22 -0.26 13.12 26.06
CA TRP F 22 -0.57 14.53 25.98
C TRP F 22 0.29 15.26 27.02
N VAL F 23 0.83 16.43 26.65
CA VAL F 23 1.48 17.30 27.62
C VAL F 23 0.67 18.61 27.65
N ALA F 24 0.37 19.09 28.86
CA ALA F 24 -0.40 20.32 29.00
C ALA F 24 0.50 21.51 28.68
N SER F 25 0.23 22.18 27.56
CA SER F 25 0.80 23.48 27.23
C SER F 25 -0.34 24.49 27.13
N GLN F 26 0.02 25.75 27.27
CA GLN F 26 -0.97 26.74 27.02
C GLN F 26 -0.32 27.76 26.13
N GLU F 27 1.01 27.66 25.89
CA GLU F 27 1.63 28.63 24.99
C GLU F 27 0.93 28.64 23.63
N ASP F 28 0.49 27.47 23.15
CA ASP F 28 -0.14 27.41 21.84
C ASP F 28 -1.57 26.87 21.93
N THR F 29 -2.38 27.46 21.07
CA THR F 29 -3.82 27.64 21.20
C THR F 29 -4.63 26.77 20.24
N ASN F 30 -3.95 26.23 19.17
CA ASN F 30 -4.56 25.50 18.06
C ASN F 30 -3.94 24.12 17.85
N CYS F 31 -3.20 23.61 18.83
CA CYS F 31 -2.47 22.36 18.71
C CYS F 31 -2.51 21.65 20.05
N ILE F 32 -2.43 20.31 20.01
CA ILE F 32 -2.16 19.53 21.19
C ILE F 32 -0.80 18.90 20.98
N LEU F 33 -0.02 18.84 22.05
CA LEU F 33 1.35 18.41 22.01
C LEU F 33 1.44 16.97 22.53
N LEU F 34 1.86 16.06 21.67
CA LEU F 34 2.02 14.65 22.04
C LEU F 34 3.47 14.22 21.97
N ARG F 35 3.81 13.26 22.84
CA ARG F 35 5.15 12.73 23.03
C ARG F 35 5.38 11.48 22.18
N CYS F 36 4.56 10.46 22.38
CA CYS F 36 4.46 9.33 21.47
C CYS F 36 3.28 9.56 20.52
N VAL F 37 3.44 9.15 19.27
CA VAL F 37 2.33 9.00 18.34
C VAL F 37 2.46 7.66 17.61
N SER F 38 1.51 7.36 16.75
CA SER F 38 1.38 6.01 16.22
C SER F 38 2.00 5.94 14.82
N CYS F 39 1.92 4.74 14.22
CA CYS F 39 2.51 4.51 12.91
C CYS F 39 1.87 5.38 11.83
N ASN F 40 0.70 5.95 12.07
CA ASN F 40 -0.05 6.66 11.04
C ASN F 40 0.34 8.12 10.92
N VAL F 41 1.07 8.66 11.88
CA VAL F 41 1.74 9.95 11.69
C VAL F 41 3.03 9.68 10.94
N SER F 42 3.26 10.40 9.86
CA SER F 42 4.51 10.28 9.12
C SER F 42 5.23 11.62 9.15
N VAL F 43 6.56 11.60 9.13
CA VAL F 43 7.36 12.80 9.29
C VAL F 43 8.09 13.08 7.98
N ASP F 44 7.82 14.25 7.40
CA ASP F 44 8.39 14.68 6.12
C ASP F 44 9.76 15.28 6.41
N LYS F 45 10.82 14.54 6.08
CA LYS F 45 12.15 14.75 6.67
C LYS F 45 12.89 15.98 6.16
N GLU F 46 12.41 16.65 5.11
CA GLU F 46 12.99 17.95 4.75
C GLU F 46 12.76 18.94 5.89
N GLN F 47 13.85 19.41 6.50
CA GLN F 47 13.78 20.27 7.67
C GLN F 47 13.55 21.72 7.26
N LYS F 48 12.34 22.21 7.49
CA LYS F 48 11.87 23.52 7.08
C LYS F 48 11.98 24.53 8.24
N LEU F 49 12.14 25.80 7.89
CA LEU F 49 12.38 26.88 8.85
C LEU F 49 11.10 27.68 9.06
N SER F 50 10.43 27.45 10.19
CA SER F 50 9.28 28.23 10.64
C SER F 50 9.61 29.72 10.72
N LYS F 51 8.56 30.52 10.94
CA LYS F 51 8.63 31.97 10.77
C LYS F 51 8.44 32.76 12.07
N GLY F 57 12.83 31.99 15.01
CA GLY F 57 12.19 30.98 14.17
C GLY F 57 12.90 29.62 14.19
N CYS F 58 12.14 28.57 14.48
CA CYS F 58 12.72 27.25 14.74
C CYS F 58 12.81 26.40 13.49
N VAL F 59 13.50 25.27 13.63
CA VAL F 59 13.56 24.25 12.59
C VAL F 59 12.60 23.14 12.96
N LEU F 60 11.77 22.74 12.00
CA LEU F 60 10.70 21.79 12.29
C LEU F 60 10.44 20.99 11.03
N GLU F 61 10.01 19.73 11.21
CA GLU F 61 9.60 18.87 10.12
C GLU F 61 8.10 18.65 10.22
N THR F 62 7.43 18.60 9.08
CA THR F 62 5.97 18.56 9.06
C THR F 62 5.43 17.13 9.16
N LEU F 63 4.13 17.02 9.37
CA LEU F 63 3.48 15.75 9.70
C LEU F 63 2.33 15.49 8.73
N CYS F 64 2.40 14.37 8.02
CA CYS F 64 1.29 13.84 7.23
C CYS F 64 0.60 12.76 8.03
N CYS F 65 -0.63 12.47 7.62
CA CYS F 65 -1.23 11.18 7.93
C CYS F 65 -0.74 10.19 6.88
N ALA F 66 -0.24 9.04 7.35
CA ALA F 66 0.23 7.98 6.46
C ALA F 66 -0.84 7.60 5.45
N GLY F 67 -2.05 7.33 5.94
CA GLY F 67 -3.16 6.92 5.11
C GLY F 67 -3.57 7.92 4.05
N CYS F 68 -4.19 9.03 4.47
CA CYS F 68 -4.88 9.91 3.52
C CYS F 68 -4.05 11.10 3.07
N SER F 69 -2.86 11.28 3.64
CA SER F 69 -1.88 12.29 3.26
C SER F 69 -2.25 13.66 3.81
N LEU F 70 -3.26 13.76 4.68
CA LEU F 70 -3.71 15.05 5.21
C LEU F 70 -2.59 15.74 5.96
N ASN F 71 -2.51 17.05 5.89
CA ASN F 71 -1.51 17.81 6.60
C ASN F 71 -1.96 17.71 8.02
N LEU F 72 -1.06 17.27 8.91
CA LEU F 72 -1.42 17.11 10.32
C LEU F 72 -0.67 17.94 11.40
N GLY F 73 0.32 18.76 11.03
CA GLY F 73 1.00 19.51 12.05
C GLY F 73 2.49 19.46 11.82
N TYR F 74 3.30 19.60 12.86
CA TYR F 74 4.73 19.53 12.74
C TYR F 74 5.42 19.18 14.02
N VAL F 75 6.71 18.97 13.93
CA VAL F 75 7.56 18.59 15.05
C VAL F 75 8.70 19.58 15.17
N TYR F 76 8.93 20.12 16.36
CA TYR F 76 10.03 21.06 16.53
C TYR F 76 11.35 20.33 16.81
N ARG F 77 12.36 20.63 15.99
CA ARG F 77 13.69 20.01 16.12
C ARG F 77 14.70 20.84 16.90
N CYS F 78 14.96 22.05 16.44
CA CYS F 78 15.82 23.01 17.11
C CYS F 78 14.91 24.14 17.56
N THR F 79 15.24 24.76 18.70
CA THR F 79 14.39 25.72 19.37
C THR F 79 15.22 26.66 20.20
N PRO F 80 14.79 27.90 20.39
CA PRO F 80 15.43 28.79 21.35
C PRO F 80 15.05 28.35 22.77
N LYS F 81 15.63 29.03 23.78
CA LYS F 81 15.40 28.64 25.17
C LYS F 81 13.91 28.53 25.47
N ASN F 82 13.12 29.53 25.06
CA ASN F 82 11.71 29.61 25.42
C ASN F 82 10.84 28.53 24.80
N LEU F 83 11.32 27.77 23.82
CA LEU F 83 10.49 26.72 23.23
C LEU F 83 11.03 25.32 23.46
N ASP F 84 12.00 25.15 24.35
CA ASP F 84 12.57 23.83 24.63
C ASP F 84 11.48 22.83 24.96
N TYR F 85 10.49 23.24 25.76
CA TYR F 85 9.45 22.33 26.21
C TYR F 85 8.72 21.68 25.05
N LYS F 86 8.60 22.39 23.92
CA LYS F 86 7.95 21.89 22.71
C LYS F 86 8.86 21.01 21.89
N ARG F 87 10.17 21.15 22.06
CA ARG F 87 11.14 20.48 21.22
C ARG F 87 10.96 18.96 21.27
N ASP F 88 10.92 18.36 20.07
CA ASP F 88 10.75 16.91 19.86
C ASP F 88 9.35 16.44 20.23
N LEU F 89 8.37 17.31 20.15
CA LEU F 89 7.01 16.97 20.46
C LEU F 89 6.17 17.15 19.21
N PHE F 90 5.25 16.22 18.99
CA PHE F 90 4.38 16.28 17.83
C PHE F 90 3.23 17.24 18.11
N CYS F 91 3.16 18.34 17.34
CA CYS F 91 2.06 19.31 17.48
C CYS F 91 1.03 19.11 16.39
N LEU F 92 0.04 18.27 16.67
CA LEU F 92 -1.04 18.01 15.73
C LEU F 92 -2.00 19.19 15.77
N SER F 93 -2.28 19.81 14.62
CA SER F 93 -3.27 20.88 14.58
C SER F 93 -4.63 20.33 14.97
N VAL F 94 -5.31 21.05 15.85
CA VAL F 94 -6.67 20.65 16.27
C VAL F 94 -7.59 20.49 15.07
N GLU F 95 -7.46 21.32 14.04
CA GLU F 95 -8.42 21.22 12.94
C GLU F 95 -8.18 20.00 12.06
N ALA F 96 -7.05 19.32 12.19
CA ALA F 96 -6.82 18.11 11.43
C ALA F 96 -7.16 16.83 12.19
N ILE F 97 -7.45 16.91 13.50
CA ILE F 97 -7.71 15.72 14.31
C ILE F 97 -9.13 15.77 14.88
N GLU F 98 -9.75 14.60 14.94
CA GLU F 98 -10.96 14.32 15.70
C GLU F 98 -10.60 13.70 17.05
N SER F 99 -11.57 13.74 17.96
CA SER F 99 -11.40 13.36 19.35
C SER F 99 -12.46 12.33 19.73
N TYR F 100 -12.05 11.27 20.42
CA TYR F 100 -13.00 10.30 20.97
C TYR F 100 -12.71 10.08 22.44
N VAL F 101 -13.72 10.27 23.29
CA VAL F 101 -13.60 10.04 24.72
C VAL F 101 -14.20 8.67 24.99
N LEU F 102 -13.78 8.06 26.10
CA LEU F 102 -14.25 6.72 26.43
C LEU F 102 -15.53 6.81 27.26
N GLY F 103 -16.56 7.35 26.60
CA GLY F 103 -17.91 7.54 27.12
C GLY F 103 -18.38 6.68 28.27
N GLU G 1 -25.03 41.17 7.56
CA GLU G 1 -24.57 41.89 8.73
C GLU G 1 -23.06 41.76 8.91
N GLU G 2 -22.63 41.69 10.17
CA GLU G 2 -21.20 41.58 10.50
C GLU G 2 -20.78 40.20 10.95
N ARG G 3 -21.72 39.28 11.19
CA ARG G 3 -21.40 37.92 11.61
C ARG G 3 -20.73 37.18 10.45
N PRO G 4 -19.73 36.33 10.73
CA PRO G 4 -18.96 35.74 9.63
C PRO G 4 -19.63 34.52 9.01
N LEU G 5 -19.09 34.09 7.87
CA LEU G 5 -19.52 32.88 7.16
C LEU G 5 -18.45 31.81 7.24
N VAL G 6 -18.89 30.56 7.22
CA VAL G 6 -18.01 29.40 7.08
C VAL G 6 -18.30 28.80 5.72
N PHE G 7 -17.26 28.41 5.01
CA PHE G 7 -17.38 27.89 3.67
C PHE G 7 -17.11 26.39 3.71
N LEU G 8 -18.01 25.60 3.11
CA LEU G 8 -17.96 24.15 3.18
C LEU G 8 -17.89 23.55 1.78
N CYS G 9 -17.24 22.39 1.68
CA CYS G 9 -17.28 21.65 0.43
C CYS G 9 -18.73 21.38 0.02
N SER G 10 -19.01 21.42 -1.28
CA SER G 10 -20.28 20.91 -1.79
C SER G 10 -20.39 19.41 -1.64
N GLY G 11 -19.28 18.67 -1.72
CA GLY G 11 -19.26 17.22 -1.78
C GLY G 11 -19.50 16.57 -0.44
N CYS G 12 -18.53 16.74 0.48
CA CYS G 12 -18.63 16.19 1.84
C CYS G 12 -18.82 17.19 3.04
N ARG G 13 -19.07 18.45 2.71
CA ARG G 13 -19.31 19.52 3.66
C ARG G 13 -18.22 19.79 4.70
N ARG G 14 -16.95 19.51 4.39
CA ARG G 14 -15.94 19.86 5.35
C ARG G 14 -15.67 21.29 5.26
N PRO G 15 -15.23 21.89 6.33
CA PRO G 15 -14.92 23.33 6.24
C PRO G 15 -13.66 23.57 5.40
N LEU G 16 -13.78 24.48 4.43
CA LEU G 16 -12.65 24.90 3.62
C LEU G 16 -11.98 26.16 4.16
N GLY G 17 -12.75 27.03 4.80
CA GLY G 17 -12.22 28.28 5.29
C GLY G 17 -13.37 29.14 5.74
N ASP G 18 -13.08 30.40 6.04
CA ASP G 18 -14.16 31.26 6.51
C ASP G 18 -13.93 32.69 6.08
N SER G 19 -14.97 33.50 6.29
CA SER G 19 -14.94 34.86 5.79
C SER G 19 -13.97 35.75 6.55
N LEU G 20 -13.39 35.27 7.65
CA LEU G 20 -12.40 36.12 8.33
C LEU G 20 -11.15 36.34 7.48
N SER G 21 -10.95 35.60 6.40
CA SER G 21 -9.87 35.84 5.44
C SER G 21 -10.39 36.16 4.06
N TRP G 22 -11.68 36.46 3.93
CA TRP G 22 -12.24 36.79 2.64
C TRP G 22 -11.56 38.05 2.10
N VAL G 23 -11.33 38.08 0.80
CA VAL G 23 -10.77 39.24 0.12
C VAL G 23 -11.78 39.70 -0.91
N ALA G 24 -12.09 40.98 -0.91
CA ALA G 24 -13.11 41.53 -1.78
C ALA G 24 -12.48 41.95 -3.11
N SER G 25 -12.81 41.21 -4.18
CA SER G 25 -12.53 41.65 -5.54
C SER G 25 -13.84 41.72 -6.32
N GLN G 26 -14.05 42.83 -7.00
CA GLN G 26 -15.15 42.96 -7.96
C GLN G 26 -14.72 42.63 -9.38
N GLU G 27 -13.52 42.06 -9.55
CA GLU G 27 -13.05 41.65 -10.87
C GLU G 27 -13.69 40.33 -11.30
N ASP G 28 -13.73 39.33 -10.40
CA ASP G 28 -14.23 38.01 -10.76
C ASP G 28 -15.55 37.71 -10.07
N THR G 29 -16.43 37.05 -10.83
CA THR G 29 -17.87 37.03 -10.65
C THR G 29 -18.44 35.65 -10.34
N ASN G 30 -17.58 34.65 -10.13
CA ASN G 30 -18.04 33.28 -9.99
C ASN G 30 -17.43 32.59 -8.78
N CYS G 31 -16.46 33.21 -8.11
CA CYS G 31 -15.67 32.53 -7.08
C CYS G 31 -15.26 33.51 -5.98
N ILE G 32 -14.92 32.94 -4.84
CA ILE G 32 -14.69 33.66 -3.59
C ILE G 32 -13.20 33.65 -3.30
N LEU G 33 -12.66 34.79 -2.93
CA LEU G 33 -11.23 34.94 -2.76
C LEU G 33 -10.92 34.83 -1.28
N LEU G 34 -10.25 33.74 -0.89
CA LEU G 34 -9.79 33.57 0.48
C LEU G 34 -8.28 33.71 0.58
N ARG G 35 -7.84 34.54 1.54
CA ARG G 35 -6.43 34.71 1.87
C ARG G 35 -5.83 33.48 2.55
N CYS G 36 -6.62 32.65 3.26
CA CYS G 36 -6.10 31.34 3.65
C CYS G 36 -7.25 30.36 3.91
N VAL G 37 -6.90 29.08 4.04
CA VAL G 37 -7.85 27.98 3.94
C VAL G 37 -7.51 26.89 4.96
N SER G 38 -8.50 26.04 5.21
CA SER G 38 -8.33 24.97 6.18
C SER G 38 -7.42 23.87 5.61
N CYS G 39 -7.15 22.83 6.41
CA CYS G 39 -6.39 21.69 5.93
C CYS G 39 -7.16 20.85 4.95
N ASN G 40 -8.40 21.18 4.68
CA ASN G 40 -9.19 20.39 3.74
C ASN G 40 -9.06 20.88 2.30
N VAL G 41 -8.41 22.02 2.05
CA VAL G 41 -8.12 22.49 0.71
C VAL G 41 -6.71 22.07 0.35
N SER G 42 -6.58 21.34 -0.76
CA SER G 42 -5.34 20.74 -1.23
C SER G 42 -5.00 21.31 -2.61
N VAL G 43 -3.72 21.28 -2.96
CA VAL G 43 -3.20 21.90 -4.20
C VAL G 43 -2.65 20.78 -5.08
N ASP G 44 -3.44 20.28 -6.01
CA ASP G 44 -2.88 19.25 -6.89
C ASP G 44 -2.40 19.87 -8.20
N GLY G 57 -2.66 33.88 -20.62
CA GLY G 57 -3.06 32.98 -19.55
C GLY G 57 -1.97 32.80 -18.50
N CYS G 58 -2.39 32.69 -17.25
CA CYS G 58 -1.49 32.66 -16.09
C CYS G 58 -1.17 31.24 -15.66
N VAL G 59 -0.18 31.11 -14.78
CA VAL G 59 0.17 29.82 -14.18
C VAL G 59 -0.64 29.64 -12.89
N LEU G 60 -1.37 28.52 -12.80
CA LEU G 60 -2.30 28.35 -11.70
C LEU G 60 -2.47 26.88 -11.33
N GLU G 61 -2.08 26.53 -10.11
CA GLU G 61 -2.34 25.21 -9.55
C GLU G 61 -3.82 25.10 -9.14
N THR G 62 -4.40 23.92 -9.31
CA THR G 62 -5.80 23.67 -9.01
C THR G 62 -5.97 23.30 -7.54
N LEU G 63 -7.18 23.52 -7.02
CA LEU G 63 -7.51 23.21 -5.65
C LEU G 63 -8.57 22.12 -5.59
N CYS G 64 -8.49 21.24 -4.59
CA CYS G 64 -9.55 20.26 -4.38
C CYS G 64 -9.62 19.86 -2.92
N CYS G 65 -10.73 19.20 -2.55
CA CYS G 65 -10.98 18.80 -1.16
C CYS G 65 -10.03 17.66 -0.75
N ALA G 66 -9.40 17.83 0.43
CA ALA G 66 -8.55 16.79 0.97
C ALA G 66 -9.32 15.55 1.41
N GLY G 67 -10.66 15.63 1.54
CA GLY G 67 -11.45 14.49 1.93
C GLY G 67 -12.07 13.77 0.75
N CYS G 68 -12.90 14.46 -0.03
CA CYS G 68 -13.73 13.87 -1.06
C CYS G 68 -13.22 14.14 -2.46
N SER G 69 -12.14 14.91 -2.61
CA SER G 69 -11.37 15.07 -3.84
C SER G 69 -12.13 15.84 -4.92
N LEU G 70 -13.10 16.65 -4.54
CA LEU G 70 -13.87 17.43 -5.50
C LEU G 70 -13.09 18.66 -5.93
N ASN G 71 -13.22 19.02 -7.22
CA ASN G 71 -12.55 20.21 -7.71
C ASN G 71 -13.21 21.46 -7.14
N LEU G 72 -12.40 22.36 -6.54
CA LEU G 72 -12.87 23.50 -5.76
C LEU G 72 -12.53 24.88 -6.31
N GLY G 73 -11.62 24.99 -7.27
CA GLY G 73 -11.07 26.29 -7.61
C GLY G 73 -9.59 26.25 -7.96
N TYR G 74 -8.87 27.35 -7.73
CA TYR G 74 -7.53 27.51 -8.28
C TYR G 74 -6.75 28.55 -7.46
N VAL G 75 -5.42 28.53 -7.64
CA VAL G 75 -4.52 29.55 -7.09
C VAL G 75 -3.73 30.11 -8.26
N TYR G 76 -3.67 31.44 -8.38
CA TYR G 76 -2.75 32.04 -9.34
C TYR G 76 -1.37 32.11 -8.71
N ARG G 77 -0.37 31.59 -9.38
CA ARG G 77 0.98 31.70 -8.83
C ARG G 77 1.82 32.73 -9.58
N CYS G 78 1.65 32.84 -10.89
CA CYS G 78 2.28 33.90 -11.66
C CYS G 78 1.20 34.70 -12.36
N THR G 79 1.32 36.02 -12.30
CA THR G 79 0.27 36.94 -12.73
C THR G 79 0.87 38.12 -13.45
N PRO G 80 0.09 38.88 -14.21
CA PRO G 80 0.50 40.20 -14.67
C PRO G 80 0.40 41.21 -13.53
N LYS G 81 0.77 42.46 -13.79
CA LYS G 81 0.63 43.49 -12.75
C LYS G 81 -0.82 43.59 -12.30
N ASN G 82 -1.76 43.60 -13.25
CA ASN G 82 -3.15 43.89 -12.93
C ASN G 82 -3.83 42.81 -12.10
N LEU G 83 -3.29 41.59 -12.05
CA LEU G 83 -3.89 40.52 -11.25
C LEU G 83 -3.06 40.19 -10.02
N ASP G 84 -2.24 41.12 -9.56
CA ASP G 84 -1.36 40.84 -8.43
C ASP G 84 -2.12 40.72 -7.12
N TYR G 85 -3.32 41.30 -7.03
CA TYR G 85 -4.11 41.16 -5.80
C TYR G 85 -4.51 39.71 -5.60
N LYS G 86 -4.80 39.02 -6.70
CA LYS G 86 -5.27 37.64 -6.74
C LYS G 86 -4.12 36.64 -6.53
N ARG G 87 -2.87 37.09 -6.60
CA ARG G 87 -1.72 36.20 -6.50
C ARG G 87 -1.68 35.54 -5.14
N ASP G 88 -1.50 34.21 -5.12
CA ASP G 88 -1.40 33.41 -3.90
C ASP G 88 -2.66 33.42 -3.04
N LEU G 89 -3.76 33.94 -3.57
CA LEU G 89 -5.07 33.82 -2.94
C LEU G 89 -5.78 32.61 -3.53
N PHE G 90 -6.48 31.87 -2.65
CA PHE G 90 -7.28 30.71 -3.04
C PHE G 90 -8.64 31.14 -3.56
N CYS G 91 -8.83 31.05 -4.87
CA CYS G 91 -10.14 31.28 -5.47
C CYS G 91 -10.97 30.01 -5.35
N LEU G 92 -12.08 30.09 -4.63
CA LEU G 92 -12.99 28.97 -4.45
C LEU G 92 -14.22 29.19 -5.33
N SER G 93 -14.49 28.28 -6.26
CA SER G 93 -15.66 28.41 -7.11
C SER G 93 -16.93 28.33 -6.28
N VAL G 94 -17.88 29.23 -6.55
CA VAL G 94 -19.12 29.25 -5.79
C VAL G 94 -20.02 28.09 -6.18
N GLU G 95 -19.74 27.42 -7.29
CA GLU G 95 -20.44 26.22 -7.71
C GLU G 95 -19.94 24.97 -7.00
N ALA G 96 -19.03 25.13 -6.07
CA ALA G 96 -18.44 24.01 -5.36
C ALA G 96 -18.31 24.29 -3.88
N ILE G 97 -18.68 25.47 -3.41
CA ILE G 97 -18.75 25.70 -1.98
C ILE G 97 -20.21 25.88 -1.58
N GLU G 98 -20.45 25.71 -0.29
CA GLU G 98 -21.63 26.23 0.36
C GLU G 98 -21.20 26.93 1.63
N SER G 99 -22.12 27.66 2.25
CA SER G 99 -21.74 28.52 3.36
C SER G 99 -22.78 28.45 4.47
N TYR G 100 -22.34 28.84 5.66
CA TYR G 100 -23.19 28.92 6.82
C TYR G 100 -22.87 30.20 7.56
N VAL G 101 -23.89 30.99 7.87
CA VAL G 101 -23.71 32.27 8.55
C VAL G 101 -24.00 32.06 10.03
N LEU G 102 -23.12 32.59 10.87
CA LEU G 102 -23.26 32.37 12.29
C LEU G 102 -24.29 33.35 12.84
N GLY G 103 -25.17 32.85 13.71
CA GLY G 103 -26.32 33.62 14.12
C GLY G 103 -27.56 33.30 13.30
N SER G 104 -27.82 32.02 13.06
CA SER G 104 -29.03 31.60 12.36
C SER G 104 -29.67 30.40 13.06
N ARG H 3 -12.48 33.72 19.50
CA ARG H 3 -12.80 33.24 18.14
C ARG H 3 -13.96 32.25 18.16
N PRO H 4 -14.89 32.45 17.24
CA PRO H 4 -16.14 31.68 17.27
C PRO H 4 -15.98 30.29 16.64
N LEU H 5 -16.80 29.36 17.12
CA LEU H 5 -16.84 28.01 16.58
C LEU H 5 -18.14 27.73 15.85
N VAL H 6 -18.11 26.68 15.04
CA VAL H 6 -19.27 26.21 14.31
C VAL H 6 -19.37 24.72 14.57
N PHE H 7 -20.59 24.25 14.79
CA PHE H 7 -20.82 22.89 15.20
C PHE H 7 -21.42 22.11 14.05
N LEU H 8 -20.82 20.96 13.77
CA LEU H 8 -21.18 20.15 12.62
C LEU H 8 -21.53 18.75 13.07
N CYS H 9 -22.35 18.11 12.26
CA CYS H 9 -22.80 16.76 12.56
C CYS H 9 -21.67 15.77 12.25
N SER H 10 -21.24 15.00 13.25
CA SER H 10 -20.34 13.87 13.08
C SER H 10 -20.65 13.04 11.84
N GLY H 11 -21.91 12.95 11.47
CA GLY H 11 -22.30 11.99 10.46
C GLY H 11 -22.24 12.50 9.04
N CYS H 12 -22.71 13.73 8.82
CA CYS H 12 -22.67 14.33 7.49
C CYS H 12 -22.10 15.74 7.47
N ARG H 13 -21.57 16.20 8.60
CA ARG H 13 -20.97 17.53 8.73
C ARG H 13 -21.86 18.75 8.45
N ARG H 14 -23.18 18.58 8.42
CA ARG H 14 -24.08 19.73 8.29
C ARG H 14 -23.93 20.66 9.50
N PRO H 15 -24.08 21.96 9.30
CA PRO H 15 -23.97 22.90 10.43
C PRO H 15 -25.18 22.76 11.34
N LEU H 16 -24.91 22.56 12.64
CA LEU H 16 -25.97 22.45 13.64
C LEU H 16 -26.21 23.75 14.37
N GLY H 17 -25.15 24.47 14.71
CA GLY H 17 -25.30 25.78 15.35
C GLY H 17 -23.93 26.41 15.47
N ASP H 18 -23.79 27.39 16.37
CA ASP H 18 -22.50 28.05 16.50
C ASP H 18 -22.36 28.71 17.86
N SER H 19 -21.10 28.99 18.22
CA SER H 19 -20.70 29.45 19.54
C SER H 19 -21.44 30.71 20.01
N LEU H 20 -22.22 31.33 19.11
CA LEU H 20 -22.97 32.52 19.43
C LEU H 20 -24.20 32.23 20.29
N SER H 21 -24.58 30.96 20.45
CA SER H 21 -25.67 30.55 21.32
C SER H 21 -25.17 29.62 22.43
N TRP H 22 -23.90 29.69 22.75
CA TRP H 22 -23.32 28.85 23.77
C TRP H 22 -23.70 29.38 25.15
N VAL H 23 -23.62 28.48 26.14
CA VAL H 23 -23.95 28.72 27.53
C VAL H 23 -23.46 27.50 28.29
N ALA H 24 -22.85 27.69 29.45
CA ALA H 24 -22.23 26.56 30.15
C ALA H 24 -22.73 26.42 31.59
N ASN H 30 -20.50 18.09 29.74
CA ASN H 30 -20.65 16.80 29.05
C ASN H 30 -21.25 16.95 27.64
N CYS H 31 -22.31 17.74 27.53
CA CYS H 31 -22.82 18.18 26.25
C CYS H 31 -22.37 19.62 26.03
N ILE H 32 -22.85 20.23 24.96
CA ILE H 32 -22.84 21.67 24.80
C ILE H 32 -24.28 22.14 24.67
N LEU H 33 -24.60 23.24 25.36
CA LEU H 33 -25.97 23.73 25.41
C LEU H 33 -26.10 24.96 24.51
N LEU H 34 -27.09 24.94 23.63
CA LEU H 34 -27.29 26.01 22.67
C LEU H 34 -28.67 26.60 22.83
N ARG H 35 -28.75 27.91 22.70
CA ARG H 35 -30.02 28.62 22.75
C ARG H 35 -30.76 28.47 21.43
N CYS H 36 -30.06 28.60 20.30
CA CYS H 36 -30.63 28.40 18.98
C CYS H 36 -29.81 27.39 18.20
N VAL H 37 -30.46 26.70 17.26
CA VAL H 37 -29.79 25.79 16.35
C VAL H 37 -30.33 26.01 14.95
N SER H 38 -29.75 25.33 13.97
CA SER H 38 -30.09 25.55 12.58
C SER H 38 -31.24 24.63 12.17
N CYS H 39 -31.57 24.65 10.89
CA CYS H 39 -32.65 23.82 10.35
C CYS H 39 -32.24 22.37 10.17
N ASN H 40 -31.01 22.00 10.53
CA ASN H 40 -30.57 20.62 10.42
C ASN H 40 -30.77 19.83 11.71
N VAL H 41 -31.01 20.52 12.81
CA VAL H 41 -31.37 19.91 14.09
C VAL H 41 -32.88 19.84 14.15
N SER H 42 -33.43 18.63 14.19
CA SER H 42 -34.88 18.45 14.15
C SER H 42 -35.36 17.75 15.41
N VAL H 43 -36.48 18.22 15.94
CA VAL H 43 -37.07 17.69 17.16
C VAL H 43 -38.11 16.65 16.80
N ASP H 44 -38.09 15.52 17.53
CA ASP H 44 -38.89 14.35 17.16
C ASP H 44 -40.27 14.44 17.79
N GLY H 57 -37.97 12.69 37.36
CA GLY H 57 -37.42 12.70 36.02
C GLY H 57 -38.07 13.73 35.10
N CYS H 58 -37.36 14.09 34.03
CA CYS H 58 -37.75 15.17 33.14
C CYS H 58 -38.43 14.68 31.87
N VAL H 59 -39.17 15.60 31.24
CA VAL H 59 -39.73 15.43 29.91
C VAL H 59 -38.78 16.08 28.91
N LEU H 60 -38.40 15.34 27.88
CA LEU H 60 -37.37 15.81 26.96
C LEU H 60 -37.60 15.19 25.59
N GLU H 61 -37.62 16.03 24.57
CA GLU H 61 -37.68 15.55 23.20
C GLU H 61 -36.27 15.40 22.64
N THR H 62 -36.08 14.36 21.84
CA THR H 62 -34.76 13.96 21.34
C THR H 62 -34.44 14.64 20.01
N LEU H 63 -33.19 15.08 19.86
CA LEU H 63 -32.75 15.78 18.67
C LEU H 63 -32.13 14.79 17.67
N CYS H 64 -32.24 15.11 16.39
CA CYS H 64 -31.65 14.31 15.31
C CYS H 64 -31.16 15.24 14.22
N CYS H 65 -30.16 14.78 13.46
CA CYS H 65 -29.80 15.50 12.24
C CYS H 65 -30.92 15.36 11.23
N ALA H 66 -31.41 16.50 10.74
CA ALA H 66 -32.46 16.50 9.71
C ALA H 66 -32.08 15.68 8.49
N GLY H 67 -30.85 15.82 8.03
CA GLY H 67 -30.47 15.24 6.76
C GLY H 67 -29.86 13.88 6.81
N CYS H 68 -29.52 13.41 8.01
CA CYS H 68 -28.63 12.28 8.25
C CYS H 68 -29.16 11.29 9.28
N SER H 69 -29.97 11.75 10.24
CA SER H 69 -30.72 11.02 11.27
C SER H 69 -29.87 10.69 12.49
N LEU H 70 -28.58 11.04 12.52
CA LEU H 70 -27.76 10.82 13.69
C LEU H 70 -28.43 11.43 14.92
N ASN H 71 -28.37 10.74 16.03
CA ASN H 71 -28.97 11.23 17.22
C ASN H 71 -28.18 12.28 17.91
N LEU H 72 -28.44 13.52 17.64
CA LEU H 72 -27.73 14.61 18.25
C LEU H 72 -27.84 14.89 19.70
N GLY H 73 -29.00 14.78 20.30
CA GLY H 73 -29.12 15.11 21.70
C GLY H 73 -30.53 15.22 22.20
N TYR H 74 -30.85 16.22 22.99
CA TYR H 74 -32.21 16.30 23.54
C TYR H 74 -32.47 17.74 23.98
N VAL H 75 -33.73 18.00 24.36
CA VAL H 75 -34.20 19.32 24.79
C VAL H 75 -35.08 19.11 26.01
N TYR H 76 -34.70 19.70 27.13
CA TYR H 76 -35.60 19.67 28.29
C TYR H 76 -36.77 20.64 28.06
N ARG H 77 -37.99 20.12 28.01
CA ARG H 77 -39.18 20.98 27.91
C ARG H 77 -39.81 21.28 29.26
N CYS H 78 -39.77 20.34 30.22
CA CYS H 78 -40.33 20.52 31.56
C CYS H 78 -39.32 20.07 32.61
N THR H 79 -39.03 20.94 33.58
CA THR H 79 -37.98 20.74 34.56
C THR H 79 -38.45 21.05 35.97
N PRO H 80 -37.67 20.69 37.00
CA PRO H 80 -37.81 21.30 38.33
C PRO H 80 -37.08 22.65 38.36
N LYS H 81 -37.11 23.30 39.53
CA LYS H 81 -36.42 24.58 39.67
C LYS H 81 -34.92 24.45 39.40
N ASN H 82 -34.29 23.44 40.01
CA ASN H 82 -32.86 23.24 39.88
C ASN H 82 -32.40 23.06 38.45
N LEU H 83 -33.31 22.82 37.50
CA LEU H 83 -32.94 22.63 36.10
C LEU H 83 -33.53 23.73 35.21
N ASP H 84 -34.03 24.82 35.79
CA ASP H 84 -34.66 25.88 35.00
C ASP H 84 -33.72 26.39 33.91
N TYR H 85 -32.41 26.28 34.14
CA TYR H 85 -31.44 26.82 33.18
C TYR H 85 -31.38 25.99 31.92
N LYS H 86 -31.50 24.67 32.03
CA LYS H 86 -31.39 23.80 30.86
C LYS H 86 -32.67 23.76 30.04
N ARG H 87 -33.79 24.22 30.61
CA ARG H 87 -35.06 24.16 29.90
C ARG H 87 -34.97 24.95 28.62
N ASP H 88 -35.65 24.46 27.58
CA ASP H 88 -35.73 25.10 26.26
C ASP H 88 -34.35 25.30 25.63
N LEU H 89 -33.35 24.55 26.08
CA LEU H 89 -32.03 24.61 25.49
C LEU H 89 -31.77 23.31 24.75
N PHE H 90 -30.96 23.40 23.70
CA PHE H 90 -30.62 22.26 22.87
C PHE H 90 -29.32 21.67 23.40
N CYS H 91 -29.40 20.49 24.02
CA CYS H 91 -28.20 19.78 24.47
C CYS H 91 -27.75 18.82 23.38
N LEU H 92 -26.78 19.27 22.57
CA LEU H 92 -26.12 18.40 21.63
C LEU H 92 -24.98 17.66 22.33
N SER H 93 -24.96 16.33 22.19
CA SER H 93 -23.85 15.54 22.72
C SER H 93 -22.57 15.82 21.95
N VAL H 94 -21.45 15.82 22.67
CA VAL H 94 -20.17 16.06 22.01
C VAL H 94 -19.79 14.90 21.09
N GLU H 95 -19.98 13.66 21.55
CA GLU H 95 -19.65 12.50 20.71
C GLU H 95 -20.24 12.57 19.30
N ALA H 96 -21.21 13.48 19.07
CA ALA H 96 -21.98 13.52 17.84
C ALA H 96 -21.83 14.83 17.06
N ILE H 97 -21.18 15.84 17.60
CA ILE H 97 -20.85 17.04 16.85
C ILE H 97 -19.35 17.13 16.62
N GLU H 98 -18.98 17.90 15.60
CA GLU H 98 -17.59 18.21 15.29
C GLU H 98 -17.46 19.72 15.18
N SER H 99 -16.37 20.25 15.74
CA SER H 99 -16.18 21.68 15.89
C SER H 99 -15.23 22.25 14.83
N TYR H 100 -15.49 23.49 14.40
CA TYR H 100 -14.60 24.24 13.51
C TYR H 100 -14.42 25.67 14.00
N VAL H 101 -13.16 26.06 14.28
CA VAL H 101 -12.82 27.41 14.76
C VAL H 101 -12.52 28.32 13.57
N LEU H 102 -12.92 29.58 13.66
CA LEU H 102 -12.66 30.50 12.56
C LEU H 102 -11.32 31.19 12.77
N GLY H 103 -10.61 31.43 11.67
CA GLY H 103 -9.23 31.83 11.77
C GLY H 103 -8.39 30.65 12.22
#